data_3CST
#
_entry.id   3CST
#
_cell.length_a   145.114
_cell.length_b   68.318
_cell.length_c   107.029
_cell.angle_alpha   90.000
_cell.angle_beta   95.140
_cell.angle_gamma   90.000
#
_symmetry.space_group_name_H-M   'C 1 2 1'
#
loop_
_entity.id
_entity.type
_entity.pdbx_description
1 polymer 'Phosphatidylinositol-4,5-bisphosphate 3-kinase catalytic subunit gamma isoform'
2 non-polymer 'Methylated Ruthenium Pyridocarbazole'
#
_entity_poly.entity_id   1
_entity_poly.type   'polypeptide(L)'
_entity_poly.pdbx_seq_one_letter_code
;MSEESQAFQRQLTALIGYDVTDVSNVHDDELEFTRRGLVTPRMAEVASRDPKLYAMHPWVTSKPLPEYLWKKIANNCIFI
VIHRSTTSQTIKVSPDDTPGAILQSFFTKMAKKKSLMDIPESQSEQDFVLRVCGRDEYLVGETPIKNFQWVRHCLKNGEE
IHVVLDTPPDPALDEVRKEEWPLVDDCTGVTGYHEQLTIHGKDHESVFTVSLWDCDRKFRVKIRGIDIPVLPRNTDLTVF
VEANIQHGQQVLCQRRTSPKPFTEEVLWNVWLEFSIKIKDLPKGALLNLQIYCGKAPALSSKASAESPSSESKGKVQLLY
YVNLLLIDHRFLLRRGEYVLHMWQISGKGEDQGSFNADKLTSATNPDKENSMSISILLDNYCHPIALPKHQPTPDPEGDR
VRAEMPNQLRKQLEAIIATDPLNPLTAEDKELLWHFRYESLKHPKAYPKLFSSVKWGQQEIVAKTYQLLARREVWDQSAL
DVGLTMQLLDCNFSDENVRAIAVQKLESLEDDDVLHYLLQLVQAVKFEPYHDSALARFLLKRGLRNKRIGHFLFWFLRSE
IAQSRHYQQRFAVILEAYLRGCGTAMLHDFTQQVQVIEMLQKVTLDIKSLSAEKYDVSSQVISQLKQKLENLQNSQLPES
FRVPYDPGLKAGALAIEKCKVMASKKKPLWLEFKCADPTALSNETIGIIFKHGDDLRQDMLILQILRIMESIWETESLDL
CLLPYGCISTGDKIGMIEIVKDATTIAKIQQSTVGNTGAFKDEVLNHWLKEKSPTEEKFQAAVERFVYSCAGYCVATFVL
GIGDRHNDNIMITETGNLFHIDFGHILGNYKSFLGINKERVPFVLTPDFLFVMGTSGKKTSPHFQKFQDICVKAYLALRH
HTNLLIILFSMMLMTGMPQLTSKEDIEYIRDALTVGKNEEDAKKYFLDQIEVCRDKGWTVQFNWFLHLVLGIKQGEKHSA
HHHHHH
;
_entity_poly.pdbx_strand_id   A
#
loop_
_chem_comp.id
_chem_comp.type
_chem_comp.name
_chem_comp.formula
E52 non-polymer 'Methylated Ruthenium Pyridocarbazole' 'C29 H23 F N4 O7 Ru'
#
# COMPACT_ATOMS: atom_id res chain seq x y z
N MET A 1 -25.96 -15.29 23.06
CA MET A 1 -25.87 -14.59 24.37
C MET A 1 -26.78 -13.37 24.43
N SER A 2 -26.44 -12.42 25.31
CA SER A 2 -27.23 -11.21 25.48
C SER A 2 -27.57 -10.53 24.15
N GLU A 3 -28.78 -9.98 24.09
CA GLU A 3 -29.24 -9.28 22.90
C GLU A 3 -28.28 -8.11 22.69
N GLU A 4 -27.50 -7.82 23.73
CA GLU A 4 -26.51 -6.76 23.69
C GLU A 4 -25.39 -7.19 22.75
N SER A 5 -24.91 -8.42 22.94
CA SER A 5 -23.84 -8.96 22.10
C SER A 5 -24.21 -9.07 20.63
N GLN A 6 -25.49 -9.31 20.35
CA GLN A 6 -25.99 -9.42 18.98
C GLN A 6 -25.98 -8.04 18.32
N ALA A 7 -26.33 -7.02 19.10
CA ALA A 7 -26.38 -5.64 18.62
C ALA A 7 -24.96 -5.11 18.37
N PHE A 8 -23.99 -5.75 19.02
CA PHE A 8 -22.58 -5.36 18.86
C PHE A 8 -22.02 -5.99 17.60
N GLN A 9 -22.33 -7.27 17.41
CA GLN A 9 -21.88 -8.00 16.23
C GLN A 9 -22.52 -7.36 15.01
N ARG A 10 -23.65 -6.67 15.25
CA ARG A 10 -24.37 -5.98 14.19
C ARG A 10 -23.58 -4.71 13.84
N GLN A 11 -23.16 -4.00 14.88
CA GLN A 11 -22.40 -2.77 14.71
C GLN A 11 -21.10 -3.07 13.97
N LEU A 12 -20.34 -4.05 14.48
CA LEU A 12 -19.08 -4.46 13.85
C LEU A 12 -19.34 -4.71 12.38
N THR A 13 -20.29 -5.60 12.06
CA THR A 13 -20.60 -5.90 10.66
C THR A 13 -20.72 -4.64 9.79
N ALA A 14 -21.32 -3.59 10.33
CA ALA A 14 -21.50 -2.35 9.58
C ALA A 14 -20.19 -1.62 9.27
N LEU A 15 -19.26 -1.70 10.22
CA LEU A 15 -17.98 -1.01 10.07
C LEU A 15 -17.14 -1.75 9.04
N ILE A 16 -17.19 -3.09 9.11
CA ILE A 16 -16.45 -3.98 8.24
C ILE A 16 -16.98 -3.98 6.82
N GLY A 17 -18.30 -4.05 6.64
CA GLY A 17 -18.83 -4.10 5.29
C GLY A 17 -19.03 -5.55 4.87
N TYR A 18 -18.94 -6.44 5.84
CA TYR A 18 -19.12 -7.87 5.61
C TYR A 18 -19.56 -8.57 6.90
N ASP A 19 -20.38 -9.59 6.75
CA ASP A 19 -20.83 -10.34 7.91
C ASP A 19 -19.90 -11.55 8.09
N VAL A 20 -19.02 -11.46 9.08
CA VAL A 20 -18.06 -12.54 9.38
C VAL A 20 -18.71 -13.76 10.05
N THR A 21 -20.04 -13.74 10.18
CA THR A 21 -20.76 -14.85 10.78
C THR A 21 -21.46 -15.58 9.63
N ASP A 22 -21.36 -14.98 8.44
CA ASP A 22 -21.93 -15.52 7.21
C ASP A 22 -21.17 -16.81 6.89
N VAL A 23 -21.87 -17.81 6.37
CA VAL A 23 -21.22 -19.08 6.02
C VAL A 23 -21.74 -19.54 4.66
N SER A 24 -22.15 -18.56 3.86
CA SER A 24 -22.67 -18.84 2.53
C SER A 24 -21.65 -19.40 1.56
N ASN A 25 -20.43 -18.85 1.63
CA ASN A 25 -19.35 -19.23 0.73
C ASN A 25 -18.17 -19.89 1.41
N VAL A 26 -18.41 -21.00 2.10
CA VAL A 26 -17.36 -21.73 2.80
C VAL A 26 -17.51 -23.23 2.58
N HIS A 27 -16.45 -23.99 2.82
CA HIS A 27 -16.48 -25.45 2.65
C HIS A 27 -15.75 -26.12 3.82
N ASP A 28 -15.42 -25.31 4.82
CA ASP A 28 -14.75 -25.74 6.04
C ASP A 28 -14.85 -24.61 7.07
N ASP A 29 -14.20 -24.79 8.20
CA ASP A 29 -14.28 -23.79 9.24
C ASP A 29 -13.02 -22.98 9.52
N GLU A 30 -12.15 -22.78 8.53
CA GLU A 30 -10.90 -22.05 8.73
C GLU A 30 -11.15 -20.66 9.29
N LEU A 31 -11.99 -19.93 8.57
CA LEU A 31 -12.37 -18.59 8.97
C LEU A 31 -12.74 -18.53 10.45
N GLU A 32 -13.72 -19.33 10.86
CA GLU A 32 -14.16 -19.37 12.27
C GLU A 32 -12.97 -19.79 13.16
N PHE A 33 -12.23 -20.76 12.68
CA PHE A 33 -11.08 -21.23 13.42
C PHE A 33 -10.22 -20.01 13.72
N THR A 34 -10.03 -19.20 12.67
CA THR A 34 -9.23 -17.99 12.74
C THR A 34 -9.74 -16.86 13.64
N ARG A 35 -11.07 -16.66 13.62
CA ARG A 35 -11.68 -15.65 14.47
C ARG A 35 -11.31 -15.96 15.93
N ARG A 36 -11.54 -17.21 16.32
CA ARG A 36 -11.22 -17.66 17.68
C ARG A 36 -9.71 -17.52 17.89
N GLY A 37 -8.92 -17.98 16.92
CA GLY A 37 -7.48 -17.93 17.02
C GLY A 37 -6.87 -16.57 17.31
N LEU A 38 -7.50 -15.54 16.79
CA LEU A 38 -6.98 -14.22 16.99
C LEU A 38 -7.30 -13.62 18.35
N VAL A 39 -8.22 -14.21 19.08
CA VAL A 39 -8.58 -13.66 20.38
C VAL A 39 -7.37 -13.36 21.26
N THR A 40 -6.55 -14.37 21.46
CA THR A 40 -5.35 -14.29 22.28
C THR A 40 -4.39 -13.15 21.89
N PRO A 41 -3.92 -13.13 20.62
CA PRO A 41 -2.99 -12.10 20.13
C PRO A 41 -3.60 -10.73 20.40
N ARG A 42 -4.92 -10.65 20.22
CA ARG A 42 -5.63 -9.42 20.46
C ARG A 42 -5.45 -9.05 21.91
N MET A 43 -6.08 -9.84 22.77
CA MET A 43 -6.01 -9.61 24.18
C MET A 43 -4.60 -9.42 24.75
N ALA A 44 -3.62 -10.18 24.26
CA ALA A 44 -2.26 -10.03 24.77
C ALA A 44 -1.66 -8.63 24.53
N GLU A 45 -2.03 -8.03 23.40
CA GLU A 45 -1.59 -6.70 22.99
C GLU A 45 -2.44 -5.59 23.69
N VAL A 46 -3.76 -5.74 23.73
CA VAL A 46 -4.59 -4.75 24.42
C VAL A 46 -3.98 -4.56 25.81
N ALA A 47 -3.91 -5.68 26.53
CA ALA A 47 -3.37 -5.77 27.88
C ALA A 47 -1.97 -5.17 28.00
N SER A 48 -1.11 -5.37 27.01
CA SER A 48 0.24 -4.82 27.12
C SER A 48 0.41 -3.32 26.87
N ARG A 49 -0.52 -2.70 26.12
CA ARG A 49 -0.43 -1.28 25.76
C ARG A 49 -0.72 -0.22 26.84
N ASP A 50 0.22 0.71 27.00
CA ASP A 50 0.11 1.79 27.97
C ASP A 50 -1.07 2.69 27.65
N PRO A 51 -2.11 2.62 28.47
CA PRO A 51 -3.30 3.45 28.25
C PRO A 51 -3.08 4.93 27.97
N LYS A 52 -2.06 5.55 28.57
CA LYS A 52 -1.77 6.99 28.36
C LYS A 52 -1.24 7.31 26.99
N LEU A 53 -0.15 6.65 26.62
CA LEU A 53 0.45 6.88 25.31
C LEU A 53 -0.45 6.42 24.18
N TYR A 54 -1.26 5.39 24.42
CA TYR A 54 -2.16 4.85 23.40
C TYR A 54 -3.21 5.90 23.08
N ALA A 55 -3.65 6.61 24.10
CA ALA A 55 -4.66 7.63 23.89
C ALA A 55 -4.10 8.83 23.13
N MET A 56 -2.86 9.19 23.42
CA MET A 56 -2.20 10.31 22.78
C MET A 56 -1.35 9.93 21.55
N HIS A 57 -1.24 8.63 21.26
CA HIS A 57 -0.48 8.16 20.10
C HIS A 57 0.63 9.09 19.54
N PRO A 58 1.56 9.57 20.39
CA PRO A 58 2.59 10.47 19.84
C PRO A 58 3.17 9.94 18.51
N TRP A 59 3.54 10.83 17.59
CA TRP A 59 4.11 10.36 16.32
C TRP A 59 5.58 10.73 16.36
N VAL A 60 6.42 9.72 16.58
CA VAL A 60 7.87 9.90 16.69
C VAL A 60 8.69 8.95 15.82
N THR A 61 9.94 9.36 15.54
CA THR A 61 10.93 8.62 14.73
C THR A 61 12.30 8.55 15.44
N SER A 62 13.02 7.44 15.24
CA SER A 62 14.33 7.27 15.83
C SER A 62 15.41 7.64 14.86
N LYS A 63 15.00 7.94 13.64
CA LYS A 63 15.94 8.31 12.59
C LYS A 63 16.53 9.70 12.87
N PRO A 64 17.79 9.94 12.46
CA PRO A 64 18.44 11.23 12.68
C PRO A 64 17.83 12.35 11.85
N LEU A 65 18.02 13.60 12.29
CA LEU A 65 17.48 14.73 11.53
C LEU A 65 18.30 14.90 10.25
N PRO A 66 17.64 14.91 9.09
CA PRO A 66 18.44 15.08 7.88
C PRO A 66 19.25 16.37 7.87
N GLU A 67 20.31 16.39 7.08
CA GLU A 67 21.18 17.55 6.93
C GLU A 67 20.39 18.75 6.42
N TYR A 68 19.55 18.50 5.42
CA TYR A 68 18.74 19.54 4.82
C TYR A 68 17.69 20.11 5.76
N LEU A 69 17.63 19.59 6.99
CA LEU A 69 16.68 20.10 7.95
C LEU A 69 17.40 20.81 9.09
N TRP A 70 18.70 20.56 9.24
CA TRP A 70 19.50 21.24 10.26
C TRP A 70 19.79 22.66 9.75
N LYS A 71 19.78 22.83 8.42
CA LYS A 71 20.03 24.13 7.79
C LYS A 71 19.11 25.23 8.35
N LYS A 72 17.89 24.85 8.68
CA LYS A 72 16.90 25.80 9.21
C LYS A 72 17.08 25.93 10.72
N ILE A 73 18.04 25.19 11.27
CA ILE A 73 18.34 25.25 12.69
C ILE A 73 19.86 25.39 12.85
N ALA A 74 20.35 26.60 12.65
CA ALA A 74 21.79 26.86 12.77
C ALA A 74 22.02 27.71 14.01
N ASN A 75 21.32 27.35 15.09
CA ASN A 75 21.41 28.07 16.34
C ASN A 75 21.02 27.18 17.50
N ASN A 76 20.85 25.89 17.23
CA ASN A 76 20.47 24.94 18.27
C ASN A 76 19.27 25.46 19.07
N CYS A 77 18.41 26.24 18.41
CA CYS A 77 17.20 26.77 19.03
C CYS A 77 16.00 26.60 18.11
N ILE A 78 14.86 26.30 18.71
CA ILE A 78 13.62 26.10 17.96
C ILE A 78 12.49 26.85 18.66
N PHE A 79 11.75 27.64 17.88
CA PHE A 79 10.65 28.44 18.39
C PHE A 79 9.28 27.75 18.38
N ILE A 80 8.73 27.54 19.58
CA ILE A 80 7.42 26.89 19.77
C ILE A 80 6.38 27.94 20.20
N VAL A 81 5.26 28.01 19.50
CA VAL A 81 4.24 28.98 19.84
C VAL A 81 3.17 28.35 20.71
N ILE A 82 3.19 28.64 22.01
CA ILE A 82 2.20 28.06 22.92
C ILE A 82 0.99 28.95 23.16
N HIS A 83 -0.16 28.51 22.65
CA HIS A 83 -1.41 29.23 22.80
C HIS A 83 -2.13 28.84 24.09
N ARG A 84 -2.98 29.74 24.59
CA ARG A 84 -3.76 29.51 25.80
C ARG A 84 -4.95 30.48 25.77
N SER A 85 -5.87 30.20 24.85
CA SER A 85 -7.08 30.99 24.60
C SER A 85 -6.70 32.18 23.74
N THR A 86 -6.57 33.35 24.37
CA THR A 86 -6.21 34.54 23.64
C THR A 86 -4.70 34.77 23.80
N THR A 87 -4.09 34.01 24.71
CA THR A 87 -2.66 34.10 24.98
C THR A 87 -1.86 33.44 23.86
N SER A 88 -0.54 33.59 23.92
CA SER A 88 0.35 33.01 22.92
C SER A 88 1.76 33.51 23.10
N GLN A 89 2.61 32.71 23.74
CA GLN A 89 3.99 33.10 23.95
C GLN A 89 4.85 32.57 22.81
N THR A 90 6.15 32.38 23.06
CA THR A 90 7.04 31.88 22.01
C THR A 90 8.35 31.31 22.60
N ILE A 91 8.21 30.41 23.58
CA ILE A 91 9.36 29.77 24.23
C ILE A 91 10.40 29.18 23.27
N LYS A 92 11.62 29.67 23.34
CA LYS A 92 12.70 29.18 22.48
C LYS A 92 13.18 27.87 23.08
N VAL A 93 13.29 26.84 22.24
CA VAL A 93 13.69 25.54 22.73
C VAL A 93 14.93 24.95 22.02
N SER A 94 15.47 23.91 22.65
CA SER A 94 16.65 23.18 22.15
C SER A 94 16.20 21.82 21.60
N PRO A 95 16.60 21.52 20.34
CA PRO A 95 16.26 20.28 19.65
C PRO A 95 16.37 19.01 20.49
N ASP A 96 17.08 19.09 21.60
CA ASP A 96 17.25 17.94 22.45
C ASP A 96 16.13 17.95 23.50
N ASP A 97 15.61 19.13 23.83
CA ASP A 97 14.58 19.24 24.87
C ASP A 97 13.37 18.34 24.68
N THR A 98 12.90 17.77 25.80
CA THR A 98 11.75 16.88 25.85
C THR A 98 10.48 17.71 26.04
N PRO A 99 9.32 17.20 25.59
CA PRO A 99 8.05 17.93 25.75
C PRO A 99 7.68 18.14 27.21
N GLY A 100 8.05 17.17 28.05
CA GLY A 100 7.79 17.30 29.45
C GLY A 100 8.78 18.29 30.07
N ALA A 101 9.94 18.47 29.41
CA ALA A 101 11.00 19.38 29.88
C ALA A 101 11.18 20.68 29.05
N ILE A 102 10.05 21.22 28.62
CA ILE A 102 9.98 22.48 27.89
C ILE A 102 8.67 23.03 28.45
N LEU A 103 7.91 22.12 29.07
CA LEU A 103 6.65 22.43 29.75
C LEU A 103 7.11 22.92 31.13
N GLN A 104 8.37 22.66 31.42
CA GLN A 104 9.01 23.08 32.65
C GLN A 104 9.56 24.47 32.36
N SER A 105 10.20 24.60 31.19
CA SER A 105 10.78 25.87 30.78
C SER A 105 9.68 26.81 30.36
N PHE A 106 8.47 26.49 30.78
CA PHE A 106 7.30 27.31 30.49
C PHE A 106 6.57 27.62 31.79
N PHE A 107 5.96 26.60 32.39
CA PHE A 107 5.22 26.74 33.64
C PHE A 107 5.98 27.61 34.64
N THR A 108 7.27 27.31 34.79
CA THR A 108 8.16 28.03 35.69
C THR A 108 8.70 29.34 35.07
N LYS A 109 8.94 29.32 33.76
CA LYS A 109 9.46 30.50 33.05
C LYS A 109 8.40 31.59 32.90
N MET A 110 7.16 31.31 33.31
CA MET A 110 6.06 32.26 33.24
C MET A 110 5.32 32.35 34.58
N ALA A 111 4.60 31.31 34.94
CA ALA A 111 3.84 31.26 36.21
C ALA A 111 3.12 32.58 36.46
N GLU A 125 -1.39 21.70 38.47
CA GLU A 125 -0.82 22.72 37.60
C GLU A 125 0.04 22.06 36.51
N GLN A 126 0.32 20.77 36.67
CA GLN A 126 1.14 20.02 35.73
C GLN A 126 0.33 18.89 35.07
N ASP A 127 -0.98 18.93 35.21
CA ASP A 127 -1.84 17.92 34.59
C ASP A 127 -2.20 18.37 33.17
N PHE A 128 -1.22 18.99 32.50
CA PHE A 128 -1.38 19.51 31.14
C PHE A 128 -0.45 18.82 30.13
N VAL A 129 -0.83 18.90 28.85
CA VAL A 129 -0.07 18.30 27.76
C VAL A 129 -0.11 19.19 26.54
N LEU A 130 0.99 19.24 25.80
CA LEU A 130 1.05 20.08 24.60
C LEU A 130 0.30 19.40 23.45
N ARG A 131 -0.49 20.18 22.71
CA ARG A 131 -1.24 19.65 21.56
C ARG A 131 -1.17 20.59 20.34
N VAL A 132 -1.02 20.00 19.14
CA VAL A 132 -0.93 20.82 17.93
C VAL A 132 -2.26 21.48 17.70
N CYS A 133 -2.19 22.78 17.44
CA CYS A 133 -3.37 23.57 17.20
C CYS A 133 -4.18 23.07 16.01
N GLY A 134 -5.47 22.90 16.24
CA GLY A 134 -6.40 22.46 15.20
C GLY A 134 -6.29 21.01 14.80
N ARG A 135 -5.45 20.26 15.51
CA ARG A 135 -5.26 18.87 15.19
C ARG A 135 -5.39 18.00 16.41
N ASP A 136 -5.54 16.70 16.16
CA ASP A 136 -5.62 15.69 17.20
C ASP A 136 -4.24 15.04 17.22
N GLU A 137 -3.22 15.87 17.44
CA GLU A 137 -1.83 15.43 17.48
C GLU A 137 -1.14 15.92 18.76
N TYR A 138 -0.51 15.00 19.48
CA TYR A 138 0.14 15.34 20.72
C TYR A 138 1.64 15.19 20.69
N LEU A 139 2.30 16.05 21.46
CA LEU A 139 3.75 16.04 21.59
C LEU A 139 4.08 15.62 23.03
N VAL A 140 3.91 14.33 23.30
CA VAL A 140 4.14 13.77 24.61
C VAL A 140 5.16 12.64 24.56
N GLY A 141 5.43 12.02 25.70
CA GLY A 141 6.38 10.92 25.75
C GLY A 141 7.84 11.33 25.84
N GLU A 142 8.68 10.45 26.37
CA GLU A 142 10.10 10.79 26.52
C GLU A 142 10.86 10.80 25.20
N THR A 143 10.64 11.85 24.43
CA THR A 143 11.24 11.99 23.10
C THR A 143 11.75 13.38 22.77
N PRO A 144 12.92 13.48 22.11
CA PRO A 144 13.47 14.79 21.74
C PRO A 144 12.45 15.48 20.83
N ILE A 145 12.13 16.75 21.08
CA ILE A 145 11.16 17.40 20.20
C ILE A 145 11.56 17.34 18.74
N LYS A 146 12.85 17.19 18.46
CA LYS A 146 13.29 17.14 17.07
C LYS A 146 12.95 15.79 16.47
N ASN A 147 12.51 14.86 17.33
CA ASN A 147 12.17 13.53 16.87
C ASN A 147 10.69 13.32 16.56
N PHE A 148 9.85 14.33 16.83
CA PHE A 148 8.41 14.25 16.53
C PHE A 148 8.26 14.62 15.06
N GLN A 149 7.34 13.92 14.40
CA GLN A 149 7.13 14.16 12.97
C GLN A 149 6.48 15.48 12.66
N TRP A 150 5.48 15.85 13.46
CA TRP A 150 4.83 17.11 13.20
C TRP A 150 5.86 18.22 13.19
N VAL A 151 6.80 18.16 14.13
CA VAL A 151 7.84 19.16 14.22
C VAL A 151 8.72 19.18 12.99
N ARG A 152 9.04 17.99 12.47
CA ARG A 152 9.90 17.90 11.30
C ARG A 152 9.09 18.32 10.09
N HIS A 153 7.78 18.17 10.19
CA HIS A 153 6.91 18.57 9.10
C HIS A 153 6.99 20.08 8.97
N CYS A 154 6.92 20.77 10.11
CA CYS A 154 6.96 22.23 10.17
C CYS A 154 8.31 22.82 9.76
N LEU A 155 9.40 22.18 10.15
CA LEU A 155 10.70 22.66 9.77
C LEU A 155 10.83 22.52 8.26
N LYS A 156 10.50 21.34 7.73
CA LYS A 156 10.61 21.08 6.31
C LYS A 156 9.75 22.02 5.48
N ASN A 157 8.73 22.60 6.10
CA ASN A 157 7.86 23.50 5.37
C ASN A 157 7.92 24.93 5.90
N GLY A 158 9.01 25.25 6.58
CA GLY A 158 9.16 26.59 7.12
C GLY A 158 7.96 27.17 7.86
N GLU A 159 7.12 26.31 8.43
CA GLU A 159 5.95 26.75 9.19
C GLU A 159 6.29 26.86 10.67
N GLU A 160 5.52 27.66 11.39
CA GLU A 160 5.75 27.86 12.81
C GLU A 160 5.04 26.76 13.58
N ILE A 161 5.63 26.38 14.73
CA ILE A 161 5.08 25.32 15.57
C ILE A 161 4.04 25.82 16.57
N HIS A 162 2.76 25.75 16.23
CA HIS A 162 1.72 26.22 17.15
C HIS A 162 1.10 25.09 17.96
N VAL A 163 1.17 25.23 19.27
CA VAL A 163 0.66 24.22 20.18
C VAL A 163 -0.27 24.86 21.19
N VAL A 164 -1.19 24.07 21.74
CA VAL A 164 -2.14 24.54 22.76
C VAL A 164 -1.98 23.70 24.03
N LEU A 165 -2.04 24.36 25.18
CA LEU A 165 -1.91 23.68 26.46
C LEU A 165 -3.31 23.20 26.87
N ASP A 166 -3.48 21.89 27.03
CA ASP A 166 -4.78 21.35 27.42
C ASP A 166 -4.70 20.01 28.14
N THR A 167 -5.86 19.50 28.53
CA THR A 167 -5.94 18.25 29.28
C THR A 167 -5.76 16.99 28.45
N PRO A 168 -4.96 16.04 28.96
CA PRO A 168 -4.72 14.77 28.28
C PRO A 168 -6.05 14.05 28.05
N PRO A 169 -6.18 13.36 26.91
CA PRO A 169 -7.43 12.63 26.61
C PRO A 169 -7.63 11.54 27.67
N ASP A 170 -8.88 11.25 27.98
CA ASP A 170 -9.18 10.27 29.01
C ASP A 170 -9.08 8.84 28.47
N PRO A 171 -8.01 8.11 28.86
CA PRO A 171 -7.80 6.73 28.42
C PRO A 171 -8.95 5.79 28.80
N ALA A 172 -9.93 6.32 29.53
CA ALA A 172 -11.11 5.56 29.93
C ALA A 172 -11.97 5.42 28.67
N LEU A 173 -11.85 6.42 27.80
CA LEU A 173 -12.59 6.46 26.54
C LEU A 173 -12.16 5.36 25.56
N ASP A 174 -11.00 4.75 25.81
CA ASP A 174 -10.48 3.69 24.95
C ASP A 174 -10.83 2.32 25.52
N GLU A 175 -11.80 2.29 26.41
CA GLU A 175 -12.20 1.04 27.03
C GLU A 175 -12.60 0.03 25.96
N VAL A 176 -12.26 -1.24 26.19
CA VAL A 176 -12.57 -2.33 25.28
C VAL A 176 -13.73 -3.13 25.86
N ARG A 177 -14.68 -3.50 25.02
CA ARG A 177 -15.82 -4.27 25.48
C ARG A 177 -15.40 -5.71 25.81
N LYS A 178 -15.82 -6.20 26.97
CA LYS A 178 -15.49 -7.55 27.43
C LYS A 178 -15.92 -8.60 26.39
N GLU A 179 -15.13 -9.62 26.17
CA GLU A 179 -15.47 -10.65 25.19
C GLU A 179 -15.87 -11.98 25.84
N GLU A 180 -16.58 -12.81 25.09
CA GLU A 180 -17.02 -14.12 25.61
C GLU A 180 -17.72 -14.94 24.53
N CYS A 215 1.06 -42.68 5.88
CA CYS A 215 0.53 -43.29 4.67
C CYS A 215 1.52 -43.05 3.53
N ASP A 216 1.91 -44.09 2.84
CA ASP A 216 2.87 -43.94 1.73
C ASP A 216 2.27 -44.18 0.36
N ARG A 217 0.95 -44.12 0.28
CA ARG A 217 0.25 -44.33 -0.99
C ARG A 217 0.39 -43.09 -1.84
N LYS A 218 0.24 -43.24 -3.15
CA LYS A 218 0.33 -42.08 -4.01
C LYS A 218 -0.93 -41.23 -3.81
N PHE A 219 -0.80 -39.92 -3.93
CA PHE A 219 -1.96 -39.05 -3.78
C PHE A 219 -2.79 -39.13 -5.05
N ARG A 220 -4.10 -39.03 -4.92
CA ARG A 220 -4.97 -39.06 -6.08
C ARG A 220 -6.25 -38.27 -5.81
N VAL A 221 -6.90 -37.84 -6.88
CA VAL A 221 -8.10 -37.05 -6.77
C VAL A 221 -9.00 -37.42 -7.93
N LYS A 222 -10.29 -37.62 -7.64
CA LYS A 222 -11.26 -37.97 -8.69
C LYS A 222 -12.06 -36.76 -9.14
N ILE A 223 -11.91 -36.43 -10.41
CA ILE A 223 -12.63 -35.32 -11.00
C ILE A 223 -13.94 -35.88 -11.48
N ARG A 224 -15.02 -35.63 -10.74
CA ARG A 224 -16.32 -36.15 -11.14
C ARG A 224 -16.84 -35.42 -12.38
N GLY A 225 -16.84 -34.09 -12.33
CA GLY A 225 -17.30 -33.32 -13.47
C GLY A 225 -17.48 -31.83 -13.19
N ILE A 226 -17.73 -31.07 -14.24
CA ILE A 226 -17.93 -29.62 -14.12
C ILE A 226 -19.35 -29.22 -14.51
N ASP A 227 -19.83 -28.13 -13.92
CA ASP A 227 -21.15 -27.66 -14.25
C ASP A 227 -21.29 -26.14 -14.27
N ILE A 228 -22.01 -25.64 -15.29
CA ILE A 228 -22.24 -24.23 -15.42
C ILE A 228 -23.69 -24.09 -15.86
N PRO A 229 -24.43 -23.12 -15.32
CA PRO A 229 -25.83 -22.91 -15.69
C PRO A 229 -26.02 -22.57 -17.16
N VAL A 230 -25.37 -21.52 -17.65
CA VAL A 230 -25.53 -21.14 -19.04
C VAL A 230 -24.20 -20.90 -19.73
N LEU A 231 -24.02 -21.50 -20.92
CA LEU A 231 -22.78 -21.36 -21.65
C LEU A 231 -22.90 -21.17 -23.17
N PRO A 232 -24.13 -21.21 -23.74
CA PRO A 232 -24.16 -21.02 -25.19
C PRO A 232 -23.30 -19.84 -25.68
N ARG A 233 -22.18 -20.17 -26.31
CA ARG A 233 -21.23 -19.17 -26.81
C ARG A 233 -21.12 -19.21 -28.35
N ASN A 234 -20.11 -18.51 -28.89
CA ASN A 234 -19.88 -18.48 -30.34
C ASN A 234 -19.50 -19.85 -30.92
N THR A 235 -18.21 -20.04 -31.18
CA THR A 235 -17.69 -21.29 -31.73
C THR A 235 -17.47 -22.31 -30.59
N ASP A 236 -18.08 -23.49 -30.74
CA ASP A 236 -17.95 -24.57 -29.75
C ASP A 236 -16.51 -25.05 -29.62
N LEU A 237 -15.89 -24.86 -28.46
CA LEU A 237 -14.52 -25.31 -28.31
C LEU A 237 -14.49 -26.52 -27.38
N THR A 238 -13.31 -27.11 -27.23
CA THR A 238 -13.09 -28.26 -26.37
C THR A 238 -12.69 -27.79 -24.96
N VAL A 239 -12.69 -28.71 -23.99
CA VAL A 239 -12.38 -28.39 -22.58
C VAL A 239 -11.86 -29.54 -21.70
N PHE A 240 -10.81 -29.28 -20.92
CA PHE A 240 -10.28 -30.28 -20.03
C PHE A 240 -9.92 -29.68 -18.68
N VAL A 241 -9.71 -30.55 -17.69
CA VAL A 241 -9.36 -30.15 -16.33
C VAL A 241 -7.88 -30.42 -16.03
N GLU A 242 -7.22 -29.42 -15.44
CA GLU A 242 -5.80 -29.51 -15.07
C GLU A 242 -5.68 -29.45 -13.55
N ALA A 243 -5.21 -30.53 -12.95
CA ALA A 243 -5.05 -30.58 -11.50
C ALA A 243 -3.59 -30.49 -11.14
N ASN A 244 -3.23 -29.38 -10.47
CA ASN A 244 -1.86 -29.07 -10.03
C ASN A 244 -1.71 -29.06 -8.55
N ILE A 245 -0.56 -29.52 -8.11
CA ILE A 245 -0.23 -29.51 -6.70
C ILE A 245 0.82 -28.40 -6.63
N GLN A 246 0.51 -27.31 -5.94
CA GLN A 246 1.47 -26.21 -5.86
C GLN A 246 1.89 -25.81 -4.49
N HIS A 247 3.10 -25.28 -4.46
CA HIS A 247 3.69 -24.79 -3.25
C HIS A 247 4.58 -23.63 -3.57
N GLY A 248 4.15 -22.47 -3.10
CA GLY A 248 4.89 -21.24 -3.31
C GLY A 248 4.94 -21.04 -4.79
N GLN A 249 3.78 -21.17 -5.44
CA GLN A 249 3.71 -21.05 -6.89
C GLN A 249 4.86 -21.84 -7.46
N GLN A 250 4.70 -23.15 -7.49
CA GLN A 250 5.71 -24.04 -7.97
C GLN A 250 4.91 -25.33 -8.12
N VAL A 251 4.84 -25.87 -9.33
CA VAL A 251 4.09 -27.13 -9.55
C VAL A 251 4.95 -28.33 -9.16
N LEU A 252 4.48 -29.07 -8.18
CA LEU A 252 5.20 -30.25 -7.70
C LEU A 252 4.81 -31.45 -8.55
N CYS A 253 3.55 -31.46 -8.98
CA CYS A 253 3.01 -32.52 -9.83
C CYS A 253 1.81 -31.94 -10.60
N GLN A 254 1.58 -32.46 -11.81
CA GLN A 254 0.47 -32.01 -12.68
C GLN A 254 -0.17 -33.14 -13.49
N ARG A 255 -1.49 -33.24 -13.36
CA ARG A 255 -2.25 -34.29 -14.04
C ARG A 255 -3.42 -33.66 -14.80
N ARG A 256 -3.73 -34.21 -15.96
CA ARG A 256 -4.82 -33.70 -16.78
C ARG A 256 -5.86 -34.76 -17.12
N THR A 257 -7.01 -34.30 -17.59
CA THR A 257 -8.07 -35.21 -18.02
C THR A 257 -8.11 -35.03 -19.54
N SER A 258 -8.85 -35.91 -20.20
CA SER A 258 -8.98 -35.91 -21.66
C SER A 258 -9.88 -34.79 -22.13
N PRO A 259 -9.58 -34.23 -23.33
CA PRO A 259 -10.41 -33.15 -23.87
C PRO A 259 -11.83 -33.63 -24.17
N LYS A 260 -12.83 -32.81 -23.87
CA LYS A 260 -14.24 -33.15 -24.12
C LYS A 260 -15.03 -31.97 -24.67
N PRO A 261 -16.24 -32.24 -25.16
CA PRO A 261 -17.07 -31.16 -25.71
C PRO A 261 -17.57 -30.24 -24.58
N PHE A 262 -17.37 -28.93 -24.76
CA PHE A 262 -17.79 -27.99 -23.73
C PHE A 262 -19.31 -27.77 -23.69
N THR A 263 -19.98 -28.51 -22.80
CA THR A 263 -21.42 -28.40 -22.63
C THR A 263 -21.74 -27.94 -21.21
N GLU A 264 -22.98 -27.60 -20.98
CA GLU A 264 -23.44 -27.13 -19.67
C GLU A 264 -23.15 -28.08 -18.52
N GLU A 265 -22.69 -29.29 -18.87
CA GLU A 265 -22.28 -30.28 -17.88
C GLU A 265 -21.36 -31.29 -18.55
N VAL A 266 -20.14 -31.39 -18.04
CA VAL A 266 -19.18 -32.33 -18.58
C VAL A 266 -18.76 -33.23 -17.44
N LEU A 267 -18.80 -34.54 -17.66
CA LEU A 267 -18.41 -35.52 -16.64
C LEU A 267 -17.22 -36.34 -17.11
N TRP A 268 -16.49 -36.86 -16.14
CA TRP A 268 -15.32 -37.67 -16.41
C TRP A 268 -15.31 -38.89 -15.51
N ASN A 269 -15.56 -38.65 -14.22
CA ASN A 269 -15.58 -39.68 -13.18
C ASN A 269 -14.28 -40.46 -13.26
N VAL A 270 -13.19 -39.71 -13.43
CA VAL A 270 -11.85 -40.29 -13.56
C VAL A 270 -10.91 -39.92 -12.43
N TRP A 271 -10.21 -40.93 -11.90
CA TRP A 271 -9.23 -40.71 -10.84
C TRP A 271 -7.96 -40.17 -11.47
N LEU A 272 -7.40 -39.13 -10.86
CA LEU A 272 -6.15 -38.54 -11.34
C LEU A 272 -5.14 -38.84 -10.26
N GLU A 273 -4.20 -39.71 -10.62
CA GLU A 273 -3.19 -40.10 -9.69
C GLU A 273 -1.88 -39.40 -9.94
N PHE A 274 -1.25 -39.00 -8.84
CA PHE A 274 0.00 -38.30 -8.91
C PHE A 274 1.12 -39.18 -8.39
N SER A 275 2.35 -38.84 -8.80
CA SER A 275 3.52 -39.59 -8.40
C SER A 275 3.89 -39.33 -6.93
N ILE A 276 3.53 -38.15 -6.44
CA ILE A 276 3.81 -37.74 -5.06
C ILE A 276 3.09 -38.48 -3.95
N LYS A 277 3.83 -38.86 -2.92
CA LYS A 277 3.25 -39.59 -1.80
C LYS A 277 2.46 -38.71 -0.84
N ILE A 278 1.48 -39.31 -0.19
CA ILE A 278 0.64 -38.59 0.78
C ILE A 278 1.51 -38.10 1.94
N LYS A 279 2.57 -38.85 2.24
CA LYS A 279 3.49 -38.50 3.32
C LYS A 279 4.42 -37.34 2.90
N ASP A 280 4.49 -37.09 1.59
CA ASP A 280 5.35 -36.02 1.08
C ASP A 280 4.69 -34.67 0.84
N LEU A 281 3.37 -34.59 0.91
CA LEU A 281 2.71 -33.29 0.72
C LEU A 281 3.20 -32.34 1.83
N PRO A 282 3.60 -31.10 1.47
CA PRO A 282 4.10 -30.04 2.36
C PRO A 282 2.95 -29.18 2.86
N LYS A 283 2.92 -28.91 4.17
CA LYS A 283 1.83 -28.10 4.71
C LYS A 283 1.76 -26.82 3.89
N GLY A 284 0.56 -26.39 3.55
CA GLY A 284 0.50 -25.20 2.76
C GLY A 284 0.34 -25.54 1.29
N ALA A 285 0.51 -26.81 0.93
CA ALA A 285 0.35 -27.24 -0.47
C ALA A 285 -1.08 -26.96 -0.90
N LEU A 286 -1.25 -26.54 -2.14
CA LEU A 286 -2.57 -26.23 -2.69
C LEU A 286 -2.96 -27.06 -3.89
N LEU A 287 -4.16 -27.65 -3.83
CA LEU A 287 -4.63 -28.41 -4.96
C LEU A 287 -5.29 -27.38 -5.86
N ASN A 288 -4.60 -27.09 -6.96
CA ASN A 288 -5.07 -26.12 -7.90
C ASN A 288 -5.73 -26.84 -9.07
N LEU A 289 -6.99 -26.51 -9.28
CA LEU A 289 -7.83 -27.05 -10.35
C LEU A 289 -8.18 -25.96 -11.33
N GLN A 290 -7.88 -26.18 -12.60
CA GLN A 290 -8.18 -25.20 -13.65
C GLN A 290 -8.86 -25.85 -14.86
N ILE A 291 -9.67 -25.06 -15.57
CA ILE A 291 -10.39 -25.54 -16.74
C ILE A 291 -9.90 -24.80 -17.98
N TYR A 292 -9.43 -25.56 -18.97
CA TYR A 292 -8.91 -25.01 -20.21
C TYR A 292 -9.83 -25.20 -21.41
N CYS A 293 -9.89 -24.18 -22.27
CA CYS A 293 -10.75 -24.24 -23.44
C CYS A 293 -9.97 -23.94 -24.72
N LEU A 318 -7.27 -21.12 -20.65
CA LEU A 318 -7.72 -21.14 -19.26
C LEU A 318 -8.96 -20.28 -19.01
N LEU A 319 -10.06 -20.91 -18.59
CA LEU A 319 -11.28 -20.17 -18.37
C LEU A 319 -11.68 -20.05 -16.90
N TYR A 320 -11.40 -21.07 -16.12
CA TYR A 320 -11.75 -21.04 -14.70
C TYR A 320 -10.67 -21.67 -13.83
N TYR A 321 -10.59 -21.19 -12.59
CA TYR A 321 -9.63 -21.77 -11.66
C TYR A 321 -10.21 -21.85 -10.25
N VAL A 322 -9.61 -22.70 -9.41
CA VAL A 322 -10.06 -22.81 -8.02
C VAL A 322 -9.05 -23.60 -7.22
N ASN A 323 -8.81 -23.16 -5.98
CA ASN A 323 -7.81 -23.83 -5.17
C ASN A 323 -8.36 -24.46 -3.89
N LEU A 324 -7.72 -25.54 -3.47
CA LEU A 324 -8.16 -26.17 -2.26
C LEU A 324 -6.94 -26.62 -1.49
N LEU A 325 -6.82 -26.12 -0.26
CA LEU A 325 -5.71 -26.47 0.60
C LEU A 325 -5.66 -27.98 0.83
N LEU A 326 -4.57 -28.61 0.42
CA LEU A 326 -4.46 -30.05 0.61
C LEU A 326 -4.34 -30.42 2.07
N ILE A 327 -3.68 -29.59 2.88
CA ILE A 327 -3.60 -29.92 4.30
C ILE A 327 -4.34 -28.77 4.96
N ASP A 328 -5.11 -29.04 6.02
CA ASP A 328 -5.86 -27.94 6.63
C ASP A 328 -5.14 -27.19 7.72
N HIS A 329 -5.88 -26.26 8.31
CA HIS A 329 -5.33 -25.44 9.37
C HIS A 329 -5.00 -26.23 10.62
N ARG A 330 -5.50 -27.47 10.69
CA ARG A 330 -5.28 -28.38 11.83
C ARG A 330 -4.27 -29.49 11.49
N PHE A 331 -3.59 -29.33 10.36
CA PHE A 331 -2.61 -30.30 9.87
C PHE A 331 -3.28 -31.59 9.44
N LEU A 332 -4.53 -31.52 8.99
CA LEU A 332 -5.21 -32.73 8.56
C LEU A 332 -5.28 -32.75 7.06
N LEU A 333 -5.16 -33.93 6.46
CA LEU A 333 -5.23 -34.07 5.02
C LEU A 333 -6.68 -33.96 4.61
N ARG A 334 -6.96 -33.11 3.64
CA ARG A 334 -8.32 -32.90 3.12
C ARG A 334 -8.91 -34.23 2.64
N ARG A 335 -10.16 -34.47 3.04
CA ARG A 335 -10.88 -35.69 2.67
C ARG A 335 -12.38 -35.47 2.50
N GLY A 336 -12.97 -36.19 1.55
CA GLY A 336 -14.40 -36.07 1.32
C GLY A 336 -14.75 -35.62 -0.07
N GLU A 337 -16.04 -35.32 -0.26
CA GLU A 337 -16.58 -34.85 -1.53
C GLU A 337 -16.60 -33.33 -1.51
N TYR A 338 -16.20 -32.70 -2.62
CA TYR A 338 -16.18 -31.24 -2.68
C TYR A 338 -16.80 -30.72 -3.97
N VAL A 339 -17.57 -29.65 -3.85
CA VAL A 339 -18.19 -29.02 -5.00
C VAL A 339 -17.78 -27.57 -4.89
N LEU A 340 -16.78 -27.20 -5.67
CA LEU A 340 -16.21 -25.86 -5.65
C LEU A 340 -16.65 -24.96 -6.80
N HIS A 341 -17.13 -23.77 -6.44
CA HIS A 341 -17.55 -22.79 -7.42
C HIS A 341 -16.30 -21.97 -7.73
N MET A 342 -15.92 -22.04 -9.01
CA MET A 342 -14.72 -21.40 -9.55
C MET A 342 -14.80 -19.92 -9.92
N TRP A 343 -13.61 -19.35 -10.17
CA TRP A 343 -13.45 -17.97 -10.54
C TRP A 343 -13.20 -17.97 -12.03
N GLN A 344 -13.83 -17.04 -12.73
CA GLN A 344 -13.69 -16.94 -14.16
C GLN A 344 -12.66 -15.91 -14.48
N ILE A 345 -11.74 -16.24 -15.39
CA ILE A 345 -10.72 -15.31 -15.81
C ILE A 345 -11.34 -14.25 -16.72
N SER A 346 -10.95 -12.99 -16.54
CA SER A 346 -11.46 -11.90 -17.37
C SER A 346 -10.61 -11.72 -18.64
N GLY A 347 -11.24 -11.96 -19.79
CA GLY A 347 -10.58 -11.82 -21.08
C GLY A 347 -9.95 -10.47 -21.32
N PHE A 355 0.65 -15.75 -11.52
CA PHE A 355 0.64 -14.33 -11.82
C PHE A 355 0.14 -13.49 -10.65
N ASN A 356 -1.04 -12.91 -10.79
CA ASN A 356 -1.58 -12.07 -9.74
C ASN A 356 -2.09 -12.81 -8.50
N ALA A 357 -2.02 -12.11 -7.38
CA ALA A 357 -2.43 -12.65 -6.11
C ALA A 357 -3.75 -13.36 -6.16
N ASP A 358 -4.74 -12.74 -6.79
CA ASP A 358 -6.06 -13.35 -6.86
C ASP A 358 -6.04 -14.84 -7.30
N LYS A 359 -5.14 -15.25 -8.18
CA LYS A 359 -5.10 -16.64 -8.61
C LYS A 359 -4.72 -17.62 -7.47
N LEU A 360 -4.10 -17.12 -6.42
CA LEU A 360 -3.69 -18.01 -5.36
C LEU A 360 -4.72 -18.15 -4.24
N THR A 361 -5.95 -17.70 -4.44
CA THR A 361 -6.86 -17.76 -3.31
C THR A 361 -7.57 -19.05 -2.94
N SER A 362 -7.69 -19.28 -1.64
CA SER A 362 -8.35 -20.50 -1.17
C SER A 362 -9.85 -20.30 -1.02
N ALA A 363 -10.33 -19.10 -1.37
CA ALA A 363 -11.74 -18.81 -1.30
C ALA A 363 -12.37 -19.15 -2.66
N THR A 364 -13.65 -19.57 -2.58
CA THR A 364 -14.48 -19.98 -3.71
C THR A 364 -15.52 -18.92 -4.06
N ASN A 365 -15.79 -18.78 -5.37
CA ASN A 365 -16.73 -17.79 -5.84
C ASN A 365 -18.02 -17.75 -5.03
N PRO A 366 -18.40 -16.56 -4.54
CA PRO A 366 -19.62 -16.43 -3.73
C PRO A 366 -20.91 -16.60 -4.52
N ASP A 367 -20.83 -16.29 -5.81
CA ASP A 367 -21.95 -16.39 -6.73
C ASP A 367 -22.06 -17.87 -7.08
N LYS A 368 -22.92 -18.59 -6.35
CA LYS A 368 -23.11 -20.02 -6.60
C LYS A 368 -24.09 -20.21 -7.74
N GLU A 369 -24.91 -19.19 -8.00
CA GLU A 369 -25.91 -19.23 -9.06
C GLU A 369 -25.41 -19.20 -10.50
N ASN A 370 -24.61 -18.20 -10.84
CA ASN A 370 -24.12 -18.04 -12.21
C ASN A 370 -22.64 -18.35 -12.43
N SER A 371 -22.07 -19.17 -11.56
CA SER A 371 -20.67 -19.50 -11.69
C SER A 371 -20.41 -20.97 -12.06
N MET A 372 -19.28 -21.19 -12.71
CA MET A 372 -18.85 -22.52 -13.10
C MET A 372 -18.51 -23.23 -11.79
N SER A 373 -18.64 -24.54 -11.77
CA SER A 373 -18.32 -25.23 -10.53
C SER A 373 -17.70 -26.56 -10.94
N ILE A 374 -16.86 -27.11 -10.08
CA ILE A 374 -16.20 -28.35 -10.38
C ILE A 374 -16.38 -29.21 -9.15
N SER A 375 -16.77 -30.46 -9.37
CA SER A 375 -17.00 -31.45 -8.32
C SER A 375 -15.85 -32.44 -8.29
N ILE A 376 -15.38 -32.77 -7.09
CA ILE A 376 -14.27 -33.71 -6.95
C ILE A 376 -14.36 -34.56 -5.68
N LEU A 377 -13.63 -35.66 -5.68
CA LEU A 377 -13.61 -36.59 -4.55
C LEU A 377 -12.19 -36.88 -4.08
N LEU A 378 -12.00 -36.66 -2.79
CA LEU A 378 -10.73 -36.85 -2.15
C LEU A 378 -10.87 -37.93 -1.10
N ASP A 379 -10.04 -38.96 -1.18
CA ASP A 379 -10.06 -40.05 -0.22
C ASP A 379 -8.68 -40.61 0.02
N ASN A 380 -8.07 -40.23 1.13
CA ASN A 380 -6.73 -40.68 1.49
C ASN A 380 -6.57 -40.65 3.00
N HIS A 383 -3.81 -35.38 9.79
CA HIS A 383 -3.48 -36.71 9.29
C HIS A 383 -1.94 -36.87 9.16
N PRO A 384 -1.30 -36.18 8.20
CA PRO A 384 0.16 -36.32 8.08
C PRO A 384 0.89 -35.49 9.13
N ILE A 385 2.18 -35.26 8.92
CA ILE A 385 3.02 -34.48 9.83
C ILE A 385 2.78 -34.94 11.27
N ALA A 386 2.70 -36.26 11.46
CA ALA A 386 2.47 -36.82 12.78
C ALA A 386 3.56 -36.42 13.78
N ARG A 402 32.01 -30.56 9.07
CA ARG A 402 32.65 -29.43 8.43
C ARG A 402 32.27 -29.30 6.95
N ALA A 403 33.29 -29.41 6.08
CA ALA A 403 33.16 -29.30 4.62
C ALA A 403 33.18 -27.84 4.14
N GLU A 404 34.37 -27.24 4.07
CA GLU A 404 34.53 -25.84 3.64
C GLU A 404 34.64 -25.69 2.13
N MET A 405 33.85 -24.76 1.60
CA MET A 405 33.81 -24.51 0.16
C MET A 405 35.17 -24.31 -0.54
N PRO A 406 35.34 -24.96 -1.69
CA PRO A 406 36.57 -24.83 -2.46
C PRO A 406 36.51 -23.41 -2.99
N ASN A 407 37.65 -22.80 -3.25
CA ASN A 407 37.70 -21.44 -3.73
C ASN A 407 36.76 -21.03 -4.88
N GLN A 408 36.85 -21.64 -6.06
CA GLN A 408 35.97 -21.15 -7.14
C GLN A 408 34.49 -21.42 -7.00
N LEU A 409 34.13 -22.40 -6.17
CA LEU A 409 32.73 -22.74 -6.02
C LEU A 409 32.06 -21.69 -5.12
N ARG A 410 32.80 -21.26 -4.12
CA ARG A 410 32.31 -20.21 -3.24
C ARG A 410 32.13 -18.95 -4.08
N LYS A 411 32.94 -18.79 -5.13
CA LYS A 411 32.78 -17.63 -6.00
C LYS A 411 31.49 -17.74 -6.81
N GLN A 412 31.16 -18.93 -7.33
CA GLN A 412 29.92 -19.09 -8.09
C GLN A 412 28.77 -18.78 -7.17
N LEU A 413 28.93 -19.22 -5.91
CA LEU A 413 27.91 -18.99 -4.89
C LEU A 413 27.69 -17.50 -4.67
N GLU A 414 28.77 -16.75 -4.42
CA GLU A 414 28.66 -15.32 -4.15
C GLU A 414 28.08 -14.54 -5.30
N ALA A 415 28.33 -15.03 -6.52
CA ALA A 415 27.79 -14.36 -7.68
C ALA A 415 26.27 -14.54 -7.66
N ILE A 416 25.82 -15.78 -7.46
CA ILE A 416 24.39 -16.14 -7.40
C ILE A 416 23.68 -15.28 -6.36
N ILE A 417 24.36 -15.04 -5.23
CA ILE A 417 23.78 -14.25 -4.15
C ILE A 417 23.67 -12.78 -4.45
N ALA A 418 24.60 -12.27 -5.23
CA ALA A 418 24.61 -10.86 -5.57
C ALA A 418 23.58 -10.47 -6.62
N THR A 419 23.09 -11.46 -7.37
CA THR A 419 22.10 -11.20 -8.42
C THR A 419 20.82 -10.62 -7.83
N ASP A 420 20.08 -9.84 -8.62
CA ASP A 420 18.85 -9.24 -8.12
C ASP A 420 17.83 -10.33 -7.78
N PRO A 421 16.71 -9.98 -7.12
CA PRO A 421 15.68 -10.96 -6.78
C PRO A 421 14.97 -11.47 -8.03
N LEU A 422 15.12 -10.78 -9.15
CA LEU A 422 14.47 -11.25 -10.38
C LEU A 422 15.38 -12.06 -11.29
N ASN A 423 16.57 -12.39 -10.79
CA ASN A 423 17.46 -13.19 -11.60
C ASN A 423 16.97 -14.63 -11.44
N PRO A 424 16.73 -15.32 -12.56
CA PRO A 424 16.25 -16.70 -12.50
C PRO A 424 17.29 -17.64 -11.92
N LEU A 425 16.83 -18.68 -11.22
CA LEU A 425 17.77 -19.62 -10.66
C LEU A 425 17.88 -20.93 -11.44
N THR A 426 19.08 -21.21 -11.93
CA THR A 426 19.36 -22.43 -12.68
C THR A 426 19.33 -23.65 -11.76
N ALA A 427 19.15 -24.83 -12.33
CA ALA A 427 19.16 -26.06 -11.53
C ALA A 427 20.53 -26.07 -10.83
N GLU A 428 21.58 -25.77 -11.60
CA GLU A 428 22.96 -25.70 -11.12
C GLU A 428 22.97 -24.82 -9.89
N ASP A 429 22.40 -23.64 -10.06
CA ASP A 429 22.33 -22.71 -8.97
C ASP A 429 21.68 -23.28 -7.68
N LYS A 430 20.53 -23.92 -7.86
CA LYS A 430 19.81 -24.49 -6.73
C LYS A 430 20.60 -25.65 -6.15
N GLU A 431 21.22 -26.47 -6.98
CA GLU A 431 21.95 -27.56 -6.39
C GLU A 431 23.10 -27.02 -5.52
N LEU A 432 23.79 -25.98 -6.02
CA LEU A 432 24.92 -25.33 -5.34
C LEU A 432 24.46 -24.75 -4.02
N LEU A 433 23.49 -23.84 -4.09
CA LEU A 433 22.91 -23.29 -2.88
C LEU A 433 22.48 -24.46 -1.94
N TRP A 434 21.93 -25.57 -2.47
CA TRP A 434 21.47 -26.58 -1.51
C TRP A 434 22.58 -27.36 -0.88
N HIS A 435 23.54 -27.76 -1.71
CA HIS A 435 24.65 -28.54 -1.24
C HIS A 435 25.44 -27.76 -0.23
N PHE A 436 25.64 -26.48 -0.49
CA PHE A 436 26.40 -25.69 0.48
C PHE A 436 25.43 -24.89 1.31
N ARG A 437 24.41 -25.63 1.69
CA ARG A 437 23.31 -25.21 2.51
C ARG A 437 23.78 -24.38 3.70
N TYR A 438 24.84 -24.83 4.38
CA TYR A 438 25.29 -24.13 5.57
C TYR A 438 26.12 -22.90 5.30
N GLU A 439 26.78 -22.86 4.16
CA GLU A 439 27.57 -21.70 3.82
C GLU A 439 26.53 -20.66 3.47
N SER A 440 25.59 -21.03 2.61
CA SER A 440 24.53 -20.12 2.23
C SER A 440 23.95 -19.46 3.47
N LEU A 441 23.78 -20.25 4.53
CA LEU A 441 23.17 -19.74 5.74
C LEU A 441 23.90 -18.62 6.47
N LYS A 442 25.07 -18.27 5.98
CA LYS A 442 25.84 -17.19 6.59
C LYS A 442 25.56 -15.85 5.90
N HIS A 443 24.84 -15.90 4.80
CA HIS A 443 24.52 -14.73 4.02
C HIS A 443 23.03 -14.42 4.02
N PRO A 444 22.62 -13.48 4.86
CA PRO A 444 21.19 -13.18 4.86
C PRO A 444 20.65 -12.91 3.45
N LYS A 445 21.43 -12.25 2.60
CA LYS A 445 20.94 -12.01 1.26
C LYS A 445 20.73 -13.26 0.44
N ALA A 446 21.19 -14.40 0.95
CA ALA A 446 21.03 -15.66 0.24
C ALA A 446 19.71 -16.32 0.58
N TYR A 447 19.18 -16.02 1.74
CA TYR A 447 17.91 -16.63 2.16
C TYR A 447 16.83 -16.90 1.12
N PRO A 448 16.41 -15.87 0.37
CA PRO A 448 15.37 -16.05 -0.65
C PRO A 448 15.79 -17.05 -1.73
N LYS A 449 17.00 -16.88 -2.22
CA LYS A 449 17.51 -17.75 -3.25
C LYS A 449 17.59 -19.20 -2.71
N LEU A 450 18.05 -19.33 -1.45
CA LEU A 450 18.22 -20.64 -0.84
C LEU A 450 16.90 -21.40 -0.69
N PHE A 451 15.85 -20.70 -0.27
CA PHE A 451 14.57 -21.37 -0.06
C PHE A 451 13.82 -21.60 -1.36
N SER A 452 14.39 -21.13 -2.47
CA SER A 452 13.81 -21.34 -3.78
C SER A 452 14.50 -22.60 -4.28
N SER A 453 15.59 -22.92 -3.63
CA SER A 453 16.35 -24.11 -4.01
C SER A 453 15.89 -25.39 -3.29
N VAL A 454 15.03 -25.25 -2.27
CA VAL A 454 14.54 -26.43 -1.54
C VAL A 454 13.53 -27.17 -2.38
N LYS A 455 13.49 -28.49 -2.23
CA LYS A 455 12.55 -29.37 -2.93
C LYS A 455 11.50 -29.55 -1.84
N TRP A 456 10.44 -28.76 -1.97
CA TRP A 456 9.33 -28.75 -1.04
C TRP A 456 8.43 -29.96 -1.23
N GLY A 457 8.72 -30.70 -2.32
CA GLY A 457 7.97 -31.89 -2.64
C GLY A 457 8.56 -33.15 -2.02
N GLN A 458 9.64 -32.99 -1.25
CA GLN A 458 10.33 -34.08 -0.58
C GLN A 458 10.31 -33.98 0.97
N GLN A 459 9.57 -34.89 1.60
CA GLN A 459 9.45 -34.92 3.05
C GLN A 459 10.76 -34.74 3.81
N GLU A 460 11.76 -35.56 3.48
CA GLU A 460 13.08 -35.50 4.12
C GLU A 460 13.87 -34.21 3.92
N ILE A 461 13.78 -33.64 2.73
CA ILE A 461 14.46 -32.40 2.41
C ILE A 461 13.88 -31.23 3.22
N VAL A 462 12.57 -31.02 3.13
CA VAL A 462 11.86 -30.00 3.92
C VAL A 462 12.36 -30.27 5.35
N ALA A 463 12.32 -31.54 5.75
CA ALA A 463 12.73 -31.90 7.11
C ALA A 463 14.11 -31.37 7.44
N LYS A 464 14.96 -31.37 6.44
CA LYS A 464 16.32 -30.94 6.63
C LYS A 464 16.29 -29.43 6.73
N THR A 465 15.47 -28.84 5.88
CA THR A 465 15.35 -27.40 5.83
C THR A 465 14.99 -26.83 7.21
N TYR A 466 14.05 -27.47 7.94
CA TYR A 466 13.64 -26.98 9.25
C TYR A 466 14.79 -27.03 10.24
N GLN A 467 15.60 -28.07 10.13
CA GLN A 467 16.78 -28.25 10.96
C GLN A 467 17.73 -27.15 10.59
N LEU A 468 17.69 -26.71 9.34
CA LEU A 468 18.55 -25.61 8.93
C LEU A 468 18.15 -24.35 9.69
N LEU A 469 16.88 -23.99 9.56
CA LEU A 469 16.32 -22.82 10.23
C LEU A 469 16.48 -22.87 11.74
N ALA A 470 16.69 -24.06 12.30
CA ALA A 470 16.84 -24.21 13.74
C ALA A 470 18.06 -23.44 14.27
N ARG A 471 19.16 -23.52 13.52
CA ARG A 471 20.39 -22.82 13.85
C ARG A 471 20.37 -21.54 13.03
N ARG A 472 19.54 -20.62 13.50
CA ARG A 472 19.31 -19.36 12.82
C ARG A 472 20.15 -18.22 13.33
N GLU A 473 21.00 -18.51 14.31
CA GLU A 473 21.85 -17.48 14.89
C GLU A 473 22.13 -16.30 13.94
N VAL A 474 22.84 -16.52 12.83
CA VAL A 474 23.20 -15.43 11.90
C VAL A 474 22.04 -14.52 11.54
N TRP A 475 20.94 -15.13 11.08
CA TRP A 475 19.73 -14.41 10.68
C TRP A 475 19.17 -13.57 11.81
N ASP A 476 18.96 -14.21 12.96
CA ASP A 476 18.41 -13.55 14.13
C ASP A 476 19.25 -12.38 14.57
N GLN A 477 20.52 -12.38 14.21
CA GLN A 477 21.40 -11.28 14.57
C GLN A 477 21.68 -10.31 13.42
N SER A 478 21.11 -10.56 12.23
CA SER A 478 21.36 -9.66 11.10
C SER A 478 20.67 -8.32 11.24
N ALA A 479 21.28 -7.29 10.66
CA ALA A 479 20.71 -5.96 10.70
C ALA A 479 19.46 -5.98 9.84
N LEU A 480 18.32 -5.60 10.40
CA LEU A 480 17.05 -5.60 9.67
C LEU A 480 17.07 -5.05 8.24
N ASP A 481 16.69 -5.90 7.29
CA ASP A 481 16.66 -5.53 5.89
C ASP A 481 15.20 -5.68 5.45
N VAL A 482 14.46 -4.58 5.34
CA VAL A 482 13.06 -4.68 4.94
C VAL A 482 12.98 -5.38 3.60
N GLY A 483 13.79 -4.92 2.66
CA GLY A 483 13.77 -5.50 1.32
C GLY A 483 13.86 -7.01 1.32
N LEU A 484 14.78 -7.50 2.12
CA LEU A 484 14.98 -8.92 2.26
C LEU A 484 13.79 -9.57 2.91
N THR A 485 13.26 -8.90 3.93
CA THR A 485 12.14 -9.44 4.69
C THR A 485 10.94 -9.62 3.78
N MET A 486 10.64 -8.60 3.01
CA MET A 486 9.51 -8.65 2.10
C MET A 486 9.59 -9.79 1.09
N GLN A 487 10.78 -10.02 0.54
CA GLN A 487 11.02 -11.07 -0.45
C GLN A 487 10.57 -12.43 0.02
N LEU A 488 10.74 -12.69 1.32
CA LEU A 488 10.33 -13.97 1.89
C LEU A 488 8.84 -13.97 2.13
N LEU A 489 8.19 -12.81 1.95
CA LEU A 489 6.74 -12.72 2.13
C LEU A 489 5.93 -12.71 0.85
N ASP A 490 6.58 -12.65 -0.31
CA ASP A 490 5.89 -12.64 -1.59
C ASP A 490 5.32 -14.03 -1.97
N CYS A 491 4.84 -14.16 -3.21
CA CYS A 491 4.22 -15.37 -3.75
C CYS A 491 5.12 -16.58 -3.84
N ASN A 492 6.42 -16.36 -3.74
CA ASN A 492 7.30 -17.51 -3.87
C ASN A 492 7.51 -18.45 -2.69
N PHE A 493 7.14 -18.02 -1.49
CA PHE A 493 7.34 -18.83 -0.30
C PHE A 493 6.00 -19.11 0.32
N SER A 494 5.68 -20.40 0.43
CA SER A 494 4.41 -20.80 0.98
C SER A 494 4.67 -21.47 2.30
N ASP A 495 5.92 -21.78 2.58
CA ASP A 495 6.20 -22.44 3.83
C ASP A 495 6.03 -21.56 5.06
N GLU A 496 5.20 -22.00 6.02
CA GLU A 496 4.99 -21.28 7.26
C GLU A 496 6.26 -20.87 8.05
N ASN A 497 7.21 -21.78 8.17
CA ASN A 497 8.45 -21.47 8.91
C ASN A 497 9.33 -20.45 8.22
N VAL A 498 9.35 -20.49 6.88
CA VAL A 498 10.15 -19.54 6.11
C VAL A 498 9.58 -18.13 6.27
N ARG A 499 8.27 -18.03 6.13
CA ARG A 499 7.56 -16.77 6.28
C ARG A 499 7.62 -16.21 7.71
N ALA A 500 7.58 -17.08 8.71
CA ALA A 500 7.63 -16.65 10.11
C ALA A 500 8.96 -15.94 10.45
N ILE A 501 10.07 -16.42 9.89
CA ILE A 501 11.31 -15.74 10.17
C ILE A 501 11.33 -14.31 9.60
N ALA A 502 10.64 -14.08 8.47
CA ALA A 502 10.59 -12.74 7.86
C ALA A 502 9.84 -11.86 8.83
N VAL A 503 8.71 -12.39 9.30
CA VAL A 503 7.89 -11.64 10.25
C VAL A 503 8.68 -11.41 11.53
N GLN A 504 9.47 -12.40 11.92
CA GLN A 504 10.27 -12.23 13.11
C GLN A 504 11.08 -10.95 12.97
N LYS A 505 11.57 -10.72 11.77
CA LYS A 505 12.37 -9.54 11.56
C LYS A 505 11.57 -8.28 11.59
N LEU A 506 10.33 -8.35 11.16
CA LEU A 506 9.52 -7.14 11.14
C LEU A 506 9.25 -6.64 12.56
N GLU A 507 9.24 -7.53 13.53
CA GLU A 507 8.98 -7.19 14.93
C GLU A 507 9.82 -5.99 15.38
N SER A 508 11.00 -5.85 14.84
CA SER A 508 11.83 -4.77 15.35
C SER A 508 11.69 -3.38 14.75
N LEU A 509 10.68 -3.20 13.90
CA LEU A 509 10.42 -1.94 13.23
C LEU A 509 9.73 -1.00 14.16
N GLU A 510 10.20 0.23 14.19
CA GLU A 510 9.54 1.17 15.06
C GLU A 510 8.23 1.50 14.36
N ASP A 511 7.30 2.11 15.07
CA ASP A 511 6.03 2.42 14.43
C ASP A 511 6.22 3.24 13.17
N ASP A 512 7.06 4.27 13.21
CA ASP A 512 7.18 5.08 12.02
C ASP A 512 7.36 4.21 10.79
N ASP A 513 8.28 3.26 10.90
CA ASP A 513 8.51 2.35 9.81
C ASP A 513 7.35 1.47 9.44
N VAL A 514 6.57 0.96 10.39
CA VAL A 514 5.47 0.14 9.95
C VAL A 514 4.53 0.93 9.09
N LEU A 515 4.33 2.21 9.41
CA LEU A 515 3.43 3.01 8.60
C LEU A 515 3.91 3.04 7.13
N HIS A 516 5.21 3.25 6.91
CA HIS A 516 5.77 3.29 5.56
C HIS A 516 5.46 2.10 4.66
N TYR A 517 5.48 0.89 5.26
CA TYR A 517 5.21 -0.36 4.56
C TYR A 517 3.84 -0.96 4.88
N LEU A 518 3.11 -0.37 5.80
CA LEU A 518 1.79 -0.88 6.18
C LEU A 518 0.86 -1.30 5.05
N LEU A 519 0.70 -0.46 4.02
CA LEU A 519 -0.16 -0.84 2.90
C LEU A 519 0.31 -2.15 2.19
N GLN A 520 1.61 -2.26 1.92
CA GLN A 520 2.17 -3.45 1.24
C GLN A 520 2.13 -4.67 2.15
N LEU A 521 2.52 -4.53 3.40
CA LEU A 521 2.44 -5.69 4.27
C LEU A 521 1.00 -6.21 4.22
N VAL A 522 0.04 -5.31 4.30
CA VAL A 522 -1.35 -5.75 4.27
C VAL A 522 -1.61 -6.46 2.94
N GLN A 523 -1.19 -5.91 1.85
CA GLN A 523 -1.43 -6.61 0.63
C GLN A 523 -0.75 -7.98 0.75
N ALA A 524 0.47 -7.99 1.28
CA ALA A 524 1.18 -9.26 1.34
C ALA A 524 0.37 -10.47 1.85
N VAL A 525 -0.67 -10.21 2.64
CA VAL A 525 -1.51 -11.25 3.24
C VAL A 525 -2.16 -12.13 2.15
N LYS A 526 -2.34 -11.59 0.93
CA LYS A 526 -2.91 -12.40 -0.14
C LYS A 526 -1.93 -13.52 -0.46
N PHE A 527 -0.69 -13.38 -0.03
CA PHE A 527 0.30 -14.42 -0.33
C PHE A 527 0.35 -15.48 0.75
N GLU A 528 -0.39 -15.29 1.84
CA GLU A 528 -0.38 -16.30 2.91
C GLU A 528 -1.33 -17.46 2.61
N PRO A 529 -0.81 -18.70 2.66
CA PRO A 529 -1.68 -19.86 2.37
C PRO A 529 -2.88 -20.02 3.30
N TYR A 530 -2.72 -19.61 4.56
CA TYR A 530 -3.83 -19.76 5.49
C TYR A 530 -4.34 -18.43 6.01
N HIS A 531 -5.59 -18.41 6.44
CA HIS A 531 -6.15 -17.17 6.96
C HIS A 531 -5.34 -16.69 8.14
N ASP A 532 -5.29 -17.54 9.18
CA ASP A 532 -4.51 -17.25 10.40
C ASP A 532 -3.04 -17.40 9.99
N SER A 533 -2.23 -16.35 10.19
CA SER A 533 -0.80 -16.38 9.85
C SER A 533 0.04 -15.41 10.72
N ALA A 534 1.34 -15.64 10.78
CA ALA A 534 2.25 -14.81 11.59
C ALA A 534 2.13 -13.36 11.18
N LEU A 535 2.02 -13.18 9.86
CA LEU A 535 1.89 -11.86 9.30
C LEU A 535 0.62 -11.21 9.81
N ALA A 536 -0.52 -11.91 9.61
CA ALA A 536 -1.82 -11.40 10.01
C ALA A 536 -1.80 -11.03 11.48
N ARG A 537 -1.08 -11.81 12.24
CA ARG A 537 -1.04 -11.49 13.63
C ARG A 537 -0.17 -10.29 13.85
N PHE A 538 0.84 -10.10 13.03
CA PHE A 538 1.72 -8.97 13.25
C PHE A 538 0.94 -7.68 13.07
N LEU A 539 0.27 -7.63 11.94
CA LEU A 539 -0.54 -6.50 11.63
C LEU A 539 -1.48 -6.19 12.81
N LEU A 540 -2.37 -7.13 13.15
CA LEU A 540 -3.31 -6.95 14.25
C LEU A 540 -2.61 -6.32 15.46
N LYS A 541 -1.47 -6.88 15.82
CA LYS A 541 -0.74 -6.32 16.93
C LYS A 541 -0.41 -4.87 16.67
N ARG A 542 0.51 -4.66 15.72
CA ARG A 542 0.94 -3.32 15.44
C ARG A 542 -0.18 -2.37 15.34
N GLY A 543 -1.32 -2.84 14.87
CA GLY A 543 -2.47 -1.97 14.75
C GLY A 543 -2.91 -1.48 16.12
N LEU A 544 -3.29 -2.46 16.95
CA LEU A 544 -3.77 -2.18 18.29
C LEU A 544 -2.85 -1.39 19.19
N ARG A 545 -1.56 -1.49 18.95
CA ARG A 545 -0.55 -0.87 19.78
C ARG A 545 -0.38 0.61 19.52
N ASN A 546 -0.78 1.01 18.33
CA ASN A 546 -0.67 2.41 17.92
C ASN A 546 -1.95 2.72 17.16
N LYS A 547 -2.56 3.87 17.50
CA LYS A 547 -3.80 4.31 16.85
C LYS A 547 -3.58 4.65 15.36
N ARG A 548 -2.59 5.50 15.04
CA ARG A 548 -2.37 5.86 13.65
C ARG A 548 -2.31 4.58 12.79
N ILE A 549 -1.41 3.66 13.10
CA ILE A 549 -1.31 2.38 12.38
C ILE A 549 -2.68 1.61 12.38
N GLY A 550 -3.44 1.59 13.46
CA GLY A 550 -4.68 0.84 13.34
C GLY A 550 -5.63 1.52 12.36
N HIS A 551 -5.67 2.85 12.39
CA HIS A 551 -6.57 3.62 11.53
C HIS A 551 -6.38 3.34 10.03
N PHE A 552 -5.13 3.36 9.60
CA PHE A 552 -4.91 3.09 8.22
C PHE A 552 -5.15 1.60 7.95
N LEU A 553 -4.81 0.74 8.94
CA LEU A 553 -5.00 -0.72 8.82
C LEU A 553 -6.46 -0.95 8.54
N PHE A 554 -7.28 -0.17 9.26
CA PHE A 554 -8.74 -0.26 9.12
C PHE A 554 -9.13 0.02 7.67
N TRP A 555 -8.70 1.16 7.17
CA TRP A 555 -9.02 1.54 5.83
C TRP A 555 -8.34 0.69 4.77
N PHE A 556 -7.10 0.26 4.98
CA PHE A 556 -6.49 -0.58 3.98
C PHE A 556 -7.24 -1.89 3.80
N LEU A 557 -7.64 -2.51 4.94
CA LEU A 557 -8.41 -3.76 4.97
C LEU A 557 -9.80 -3.52 4.39
N ARG A 558 -10.49 -2.49 4.90
CA ARG A 558 -11.83 -2.16 4.38
C ARG A 558 -11.73 -2.02 2.85
N SER A 559 -10.73 -1.28 2.34
CA SER A 559 -10.54 -1.11 0.91
C SER A 559 -10.73 -2.43 0.11
N GLU A 560 -9.99 -3.47 0.50
CA GLU A 560 -10.03 -4.77 -0.16
C GLU A 560 -11.33 -5.55 0.15
N ILE A 561 -11.76 -5.52 1.39
CA ILE A 561 -12.99 -6.21 1.79
C ILE A 561 -14.19 -5.74 0.97
N ALA A 562 -14.16 -4.48 0.54
CA ALA A 562 -15.28 -3.92 -0.20
C ALA A 562 -15.27 -4.20 -1.70
N GLN A 563 -14.12 -4.60 -2.26
CA GLN A 563 -14.09 -4.89 -3.68
C GLN A 563 -13.37 -6.17 -4.09
N SER A 564 -12.71 -6.84 -3.17
CA SER A 564 -12.05 -8.11 -3.55
C SER A 564 -12.93 -9.30 -3.17
N ARG A 565 -13.45 -10.02 -4.16
CA ARG A 565 -14.27 -11.19 -3.87
C ARG A 565 -13.24 -12.22 -3.42
N HIS A 566 -12.12 -12.27 -4.10
CA HIS A 566 -11.13 -13.26 -3.71
C HIS A 566 -10.53 -13.24 -2.33
N TYR A 567 -10.58 -12.10 -1.63
CA TYR A 567 -9.97 -12.02 -0.30
C TYR A 567 -10.77 -11.30 0.77
N GLN A 568 -11.99 -10.85 0.47
CA GLN A 568 -12.80 -10.10 1.46
C GLN A 568 -13.01 -10.94 2.70
N GLN A 569 -13.26 -12.23 2.51
CA GLN A 569 -13.44 -13.12 3.64
C GLN A 569 -12.28 -12.95 4.64
N ARG A 570 -11.07 -13.36 4.24
CA ARG A 570 -9.90 -13.29 5.13
C ARG A 570 -9.65 -11.91 5.74
N PHE A 571 -9.63 -10.92 4.86
CA PHE A 571 -9.42 -9.56 5.28
C PHE A 571 -10.49 -9.17 6.31
N ALA A 572 -11.74 -9.60 6.09
CA ALA A 572 -12.82 -9.26 7.02
C ALA A 572 -12.59 -9.81 8.45
N VAL A 573 -12.21 -11.07 8.55
CA VAL A 573 -11.92 -11.68 9.84
C VAL A 573 -10.79 -10.94 10.56
N ILE A 574 -9.85 -10.40 9.81
CA ILE A 574 -8.73 -9.72 10.44
C ILE A 574 -9.19 -8.40 11.01
N LEU A 575 -9.99 -7.71 10.19
CA LEU A 575 -10.52 -6.40 10.54
C LEU A 575 -11.36 -6.52 11.77
N GLU A 576 -12.25 -7.52 11.80
CA GLU A 576 -13.10 -7.70 12.99
C GLU A 576 -12.18 -7.76 14.18
N ALA A 577 -11.29 -8.76 14.15
CA ALA A 577 -10.34 -8.94 15.22
C ALA A 577 -9.85 -7.61 15.73
N TYR A 578 -9.44 -6.74 14.81
CA TYR A 578 -8.91 -5.43 15.17
C TYR A 578 -9.99 -4.65 15.89
N LEU A 579 -11.11 -4.43 15.20
CA LEU A 579 -12.21 -3.67 15.79
C LEU A 579 -12.52 -4.09 17.23
N ARG A 580 -12.42 -5.39 17.50
CA ARG A 580 -12.68 -5.90 18.85
C ARG A 580 -11.62 -5.50 19.83
N GLY A 581 -10.79 -4.51 19.50
CA GLY A 581 -9.75 -4.18 20.46
C GLY A 581 -9.11 -2.82 20.42
N CYS A 582 -9.52 -2.00 19.45
CA CYS A 582 -8.97 -0.65 19.25
C CYS A 582 -9.49 0.36 20.26
N GLY A 583 -10.70 0.07 20.76
CA GLY A 583 -11.33 0.94 21.74
C GLY A 583 -12.64 1.54 21.28
N THR A 584 -13.61 1.63 22.20
CA THR A 584 -14.92 2.22 21.95
C THR A 584 -14.74 3.57 21.27
N ALA A 585 -13.73 4.34 21.70
CA ALA A 585 -13.46 5.64 21.11
C ALA A 585 -13.24 5.51 19.59
N MET A 586 -12.23 4.73 19.22
CA MET A 586 -11.87 4.45 17.83
C MET A 586 -13.14 3.95 17.14
N LEU A 587 -13.78 2.95 17.75
CA LEU A 587 -15.02 2.34 17.25
C LEU A 587 -16.09 3.37 16.97
N HIS A 588 -16.00 4.49 17.69
CA HIS A 588 -16.96 5.57 17.52
C HIS A 588 -16.53 6.43 16.34
N ASP A 589 -15.25 6.76 16.29
CA ASP A 589 -14.74 7.56 15.20
C ASP A 589 -14.98 6.84 13.89
N PHE A 590 -14.63 5.55 13.85
CA PHE A 590 -14.80 4.77 12.63
C PHE A 590 -16.23 4.82 12.17
N THR A 591 -17.16 4.69 13.12
CA THR A 591 -18.58 4.72 12.82
C THR A 591 -19.00 5.98 12.04
N GLN A 592 -18.54 7.13 12.57
CA GLN A 592 -18.75 8.47 12.03
C GLN A 592 -18.13 8.53 10.63
N GLN A 593 -16.89 8.11 10.52
CA GLN A 593 -16.23 8.14 9.24
C GLN A 593 -16.95 7.26 8.24
N VAL A 594 -17.43 6.09 8.68
CA VAL A 594 -18.10 5.17 7.76
C VAL A 594 -19.45 5.66 7.27
N GLN A 595 -20.22 6.28 8.17
CA GLN A 595 -21.52 6.78 7.78
C GLN A 595 -21.33 7.87 6.76
N VAL A 596 -20.41 8.81 7.05
CA VAL A 596 -20.10 9.93 6.15
C VAL A 596 -19.73 9.58 4.73
N ILE A 597 -18.63 8.84 4.57
CA ILE A 597 -18.16 8.43 3.26
C ILE A 597 -19.18 7.54 2.59
N GLU A 598 -20.01 6.87 3.38
CA GLU A 598 -21.00 5.98 2.79
C GLU A 598 -22.12 6.78 2.16
N MET A 599 -22.32 8.01 2.63
CA MET A 599 -23.35 8.93 2.11
C MET A 599 -22.83 9.61 0.84
N LEU A 600 -21.64 10.19 0.98
CA LEU A 600 -21.00 10.87 -0.12
C LEU A 600 -20.80 9.93 -1.29
N GLN A 601 -20.63 8.64 -1.02
CA GLN A 601 -20.43 7.66 -2.09
C GLN A 601 -21.71 7.50 -2.89
N LYS A 602 -22.84 7.59 -2.18
CA LYS A 602 -24.15 7.47 -2.81
C LYS A 602 -24.45 8.70 -3.68
N VAL A 603 -24.14 9.87 -3.16
CA VAL A 603 -24.35 11.12 -3.90
C VAL A 603 -23.44 11.14 -5.13
N THR A 604 -22.19 10.77 -4.90
CA THR A 604 -21.19 10.73 -5.97
C THR A 604 -21.65 9.92 -7.16
N LEU A 605 -22.15 8.72 -6.89
CA LEU A 605 -22.65 7.80 -7.93
C LEU A 605 -23.93 8.30 -8.58
N ASP A 606 -24.88 8.76 -7.78
CA ASP A 606 -26.14 9.27 -8.32
C ASP A 606 -25.90 10.48 -9.21
N ILE A 607 -24.97 11.32 -8.79
CA ILE A 607 -24.64 12.50 -9.56
C ILE A 607 -23.99 12.07 -10.87
N LYS A 608 -23.16 11.02 -10.79
CA LYS A 608 -22.44 10.50 -11.94
C LYS A 608 -23.43 10.04 -13.04
N SER A 609 -24.63 9.64 -12.63
CA SER A 609 -25.66 9.19 -13.57
C SER A 609 -26.28 10.37 -14.32
N LEU A 610 -26.42 11.47 -13.60
CA LEU A 610 -26.98 12.68 -14.15
C LEU A 610 -25.98 13.42 -15.03
N SER A 611 -24.90 12.73 -15.40
CA SER A 611 -23.86 13.33 -16.23
C SER A 611 -23.25 12.28 -17.17
N ALA A 612 -23.13 12.64 -18.45
CA ALA A 612 -22.55 11.75 -19.47
C ALA A 612 -21.03 11.75 -19.38
N GLU A 613 -20.36 11.58 -20.51
CA GLU A 613 -18.91 11.57 -20.53
C GLU A 613 -18.40 12.89 -21.08
N LYS A 614 -19.03 13.35 -22.16
CA LYS A 614 -18.63 14.59 -22.80
C LYS A 614 -18.52 15.73 -21.79
N TYR A 615 -17.29 16.05 -21.40
CA TYR A 615 -17.04 17.10 -20.43
C TYR A 615 -17.91 18.35 -20.65
N ASP A 616 -18.37 18.95 -19.55
CA ASP A 616 -19.18 20.17 -19.62
C ASP A 616 -19.66 20.61 -18.26
N VAL A 617 -20.46 19.76 -17.63
CA VAL A 617 -21.00 20.06 -16.31
C VAL A 617 -21.93 21.28 -16.39
N SER A 618 -23.23 21.04 -16.35
CA SER A 618 -24.20 22.13 -16.41
C SER A 618 -24.57 22.60 -15.00
N SER A 619 -25.20 23.77 -14.89
CA SER A 619 -25.60 24.31 -13.58
C SER A 619 -26.71 23.42 -13.04
N GLN A 620 -27.29 22.64 -13.94
CA GLN A 620 -28.36 21.73 -13.58
C GLN A 620 -27.84 20.62 -12.69
N VAL A 621 -26.74 20.01 -13.12
CA VAL A 621 -26.14 18.93 -12.36
C VAL A 621 -25.56 19.47 -11.05
N ILE A 622 -25.09 20.73 -11.07
CA ILE A 622 -24.51 21.36 -9.87
C ILE A 622 -25.63 21.72 -8.90
N SER A 623 -26.78 22.10 -9.46
CA SER A 623 -27.93 22.43 -8.64
C SER A 623 -28.39 21.16 -7.94
N GLN A 624 -28.36 20.06 -8.69
CA GLN A 624 -28.74 18.72 -8.20
C GLN A 624 -27.80 18.24 -7.07
N LEU A 625 -26.55 18.69 -7.12
CA LEU A 625 -25.52 18.33 -6.12
C LEU A 625 -25.83 19.09 -4.83
N LYS A 626 -25.94 20.42 -4.96
CA LYS A 626 -26.22 21.28 -3.84
C LYS A 626 -27.46 20.85 -3.07
N GLN A 627 -28.48 20.41 -3.80
CA GLN A 627 -29.70 19.94 -3.16
C GLN A 627 -29.40 18.67 -2.37
N LYS A 628 -28.75 17.71 -3.02
CA LYS A 628 -28.43 16.46 -2.35
C LYS A 628 -27.59 16.69 -1.08
N LEU A 629 -26.61 17.59 -1.15
CA LEU A 629 -25.76 17.90 0.00
C LEU A 629 -26.56 18.57 1.10
N GLU A 630 -27.48 19.44 0.70
CA GLU A 630 -28.33 20.13 1.62
C GLU A 630 -29.04 19.10 2.49
N ASN A 631 -29.50 18.03 1.84
CA ASN A 631 -30.19 16.95 2.54
C ASN A 631 -29.36 16.26 3.60
N LEU A 632 -28.08 16.05 3.32
CA LEU A 632 -27.20 15.39 4.27
C LEU A 632 -26.86 16.34 5.41
N GLN A 633 -26.63 17.61 5.07
CA GLN A 633 -26.28 18.61 6.05
C GLN A 633 -27.22 18.56 7.24
N ASN A 634 -28.37 17.93 7.05
CA ASN A 634 -29.37 17.77 8.09
C ASN A 634 -28.96 16.65 9.03
N SER A 635 -29.95 16.04 9.68
CA SER A 635 -29.71 14.95 10.60
C SER A 635 -29.38 13.69 9.81
N GLN A 636 -28.14 13.60 9.34
CA GLN A 636 -27.65 12.47 8.57
C GLN A 636 -26.12 12.46 8.70
N LEU A 637 -25.52 13.55 8.26
CA LEU A 637 -24.06 13.73 8.29
C LEU A 637 -23.55 14.18 9.66
N PRO A 638 -22.95 13.26 10.43
CA PRO A 638 -22.45 13.64 11.74
C PRO A 638 -21.83 15.05 11.77
N GLU A 639 -21.82 15.65 12.96
CA GLU A 639 -21.27 16.99 13.14
C GLU A 639 -19.86 17.02 12.58
N SER A 640 -19.06 16.01 12.88
CA SER A 640 -17.69 15.96 12.39
C SER A 640 -17.22 14.52 12.20
N PHE A 641 -16.05 14.40 11.57
CA PHE A 641 -15.42 13.11 11.30
C PHE A 641 -13.92 13.30 11.00
N ARG A 642 -13.10 12.27 11.22
CA ARG A 642 -11.67 12.38 10.93
C ARG A 642 -11.55 12.20 9.44
N VAL A 643 -10.56 12.85 8.84
CA VAL A 643 -10.31 12.73 7.40
C VAL A 643 -9.50 11.42 7.27
N PRO A 644 -10.10 10.37 6.69
CA PRO A 644 -9.50 9.03 6.47
C PRO A 644 -8.05 9.00 6.08
N TYR A 645 -7.64 9.87 5.16
CA TYR A 645 -6.25 9.86 4.74
C TYR A 645 -5.39 10.80 5.57
N ASP A 646 -5.99 11.45 6.57
CA ASP A 646 -5.25 12.36 7.46
C ASP A 646 -6.00 12.41 8.79
N PRO A 647 -5.88 11.32 9.59
CA PRO A 647 -6.51 11.11 10.89
C PRO A 647 -6.23 12.27 11.83
N GLY A 648 -5.16 13.03 11.58
CA GLY A 648 -4.89 14.16 12.43
C GLY A 648 -5.90 15.30 12.20
N LEU A 649 -6.66 15.23 11.11
CA LEU A 649 -7.63 16.28 10.79
C LEU A 649 -9.07 15.91 10.93
N LYS A 650 -9.74 16.71 11.76
CA LYS A 650 -11.17 16.59 12.03
C LYS A 650 -11.92 17.53 11.10
N ALA A 651 -12.90 16.98 10.38
CA ALA A 651 -13.69 17.78 9.46
C ALA A 651 -15.10 18.01 10.01
N GLY A 652 -15.57 19.24 9.85
CA GLY A 652 -16.88 19.58 10.31
C GLY A 652 -17.91 19.63 9.21
N ALA A 653 -18.74 20.67 9.25
CA ALA A 653 -19.81 20.85 8.29
C ALA A 653 -19.33 21.21 6.91
N LEU A 654 -20.13 20.78 5.94
CA LEU A 654 -19.86 21.03 4.55
C LEU A 654 -20.00 22.52 4.29
N ALA A 655 -19.24 22.98 3.30
CA ALA A 655 -19.29 24.37 2.85
C ALA A 655 -20.00 24.24 1.48
N ILE A 656 -21.25 23.78 1.54
CA ILE A 656 -22.09 23.53 0.37
C ILE A 656 -21.99 24.56 -0.75
N GLU A 657 -21.55 25.77 -0.40
CA GLU A 657 -21.39 26.85 -1.38
C GLU A 657 -20.10 26.74 -2.17
N LYS A 658 -19.15 25.98 -1.66
CA LYS A 658 -17.88 25.82 -2.35
C LYS A 658 -17.78 24.47 -3.04
N CYS A 659 -18.75 23.60 -2.77
CA CYS A 659 -18.78 22.28 -3.39
C CYS A 659 -19.30 22.41 -4.81
N LYS A 660 -18.96 21.42 -5.63
CA LYS A 660 -19.32 21.39 -7.04
C LYS A 660 -18.99 20.06 -7.75
N VAL A 661 -19.24 20.01 -9.05
CA VAL A 661 -18.92 18.83 -9.83
C VAL A 661 -17.88 19.28 -10.84
N MET A 662 -16.77 18.55 -10.86
CA MET A 662 -15.66 18.87 -11.71
C MET A 662 -15.93 18.63 -13.20
N ALA A 663 -15.41 19.51 -14.04
CA ALA A 663 -15.57 19.40 -15.49
C ALA A 663 -14.47 18.50 -16.07
N SER A 664 -14.64 17.19 -15.89
CA SER A 664 -13.68 16.21 -16.39
C SER A 664 -14.38 14.97 -16.93
N LYS A 665 -13.61 14.08 -17.54
CA LYS A 665 -14.18 12.84 -18.08
C LYS A 665 -15.11 12.20 -17.03
N LYS A 666 -14.56 11.82 -15.88
CA LYS A 666 -15.37 11.23 -14.81
C LYS A 666 -16.00 12.49 -14.20
N LYS A 667 -17.06 12.33 -13.39
CA LYS A 667 -17.69 13.49 -12.76
C LYS A 667 -17.53 13.40 -11.24
N PRO A 668 -16.33 13.75 -10.72
CA PRO A 668 -16.00 13.71 -9.29
C PRO A 668 -16.43 14.93 -8.51
N LEU A 669 -16.87 14.71 -7.28
CA LEU A 669 -17.29 15.83 -6.45
C LEU A 669 -16.13 16.61 -5.87
N TRP A 670 -16.28 17.92 -5.74
CA TRP A 670 -15.21 18.70 -5.15
C TRP A 670 -15.78 19.27 -3.87
N LEU A 671 -15.82 18.48 -2.80
CA LEU A 671 -16.40 18.98 -1.54
C LEU A 671 -15.37 19.77 -0.74
N GLU A 672 -15.84 20.57 0.22
CA GLU A 672 -14.94 21.38 1.08
C GLU A 672 -15.65 21.42 2.42
N PHE A 673 -14.89 21.23 3.50
CA PHE A 673 -15.51 21.22 4.82
C PHE A 673 -14.79 22.22 5.68
N LYS A 674 -15.48 22.66 6.74
CA LYS A 674 -14.89 23.59 7.69
C LYS A 674 -14.13 22.68 8.65
N CYS A 675 -13.05 23.18 9.23
CA CYS A 675 -12.28 22.39 10.18
C CYS A 675 -13.06 22.37 11.51
N ALA A 676 -13.40 21.18 12.02
CA ALA A 676 -14.18 21.13 13.27
C ALA A 676 -13.40 21.45 14.54
N ASP A 677 -12.17 21.95 14.38
CA ASP A 677 -11.31 22.30 15.50
C ASP A 677 -11.10 23.82 15.64
N PRO A 678 -11.71 24.45 16.66
CA PRO A 678 -11.60 25.88 16.90
C PRO A 678 -10.17 26.34 17.09
N THR A 679 -9.40 25.55 17.82
CA THR A 679 -8.03 25.93 18.04
C THR A 679 -7.23 26.04 16.74
N ALA A 680 -7.87 25.64 15.63
CA ALA A 680 -7.25 25.66 14.30
C ALA A 680 -6.54 26.99 14.06
N LEU A 681 -5.45 26.95 13.30
CA LEU A 681 -4.70 28.17 13.02
C LEU A 681 -5.16 28.90 11.75
N SER A 682 -6.30 28.47 11.20
CA SER A 682 -6.82 29.09 10.00
C SER A 682 -8.33 28.89 9.82
N ASN A 683 -8.83 29.43 8.73
CA ASN A 683 -10.24 29.34 8.40
C ASN A 683 -10.38 28.55 7.10
N GLU A 684 -9.22 28.08 6.61
CA GLU A 684 -9.14 27.30 5.37
C GLU A 684 -9.87 26.00 5.53
N THR A 685 -10.69 25.69 4.55
CA THR A 685 -11.46 24.49 4.59
C THR A 685 -10.64 23.29 4.17
N ILE A 686 -11.20 22.12 4.43
CA ILE A 686 -10.56 20.88 4.03
C ILE A 686 -11.24 20.53 2.71
N GLY A 687 -10.41 20.36 1.69
CA GLY A 687 -10.90 20.02 0.38
C GLY A 687 -10.69 18.55 0.07
N ILE A 688 -11.76 17.85 -0.29
CA ILE A 688 -11.71 16.42 -0.60
C ILE A 688 -12.34 16.15 -1.98
N ILE A 689 -11.80 15.19 -2.70
CA ILE A 689 -12.37 14.82 -3.98
C ILE A 689 -12.93 13.40 -3.93
N PHE A 690 -14.20 13.23 -4.28
CA PHE A 690 -14.85 11.91 -4.30
C PHE A 690 -15.03 11.49 -5.74
N LYS A 691 -14.40 10.39 -6.13
CA LYS A 691 -14.50 10.00 -7.52
C LYS A 691 -14.90 8.56 -7.77
N HIS A 692 -15.45 8.33 -8.96
CA HIS A 692 -15.87 7.01 -9.42
C HIS A 692 -15.34 6.86 -10.86
N GLY A 693 -14.93 5.64 -11.23
CA GLY A 693 -14.40 5.37 -12.56
C GLY A 693 -12.96 4.88 -12.57
N ASP A 694 -12.20 5.33 -11.58
CA ASP A 694 -10.78 4.95 -11.44
C ASP A 694 -10.60 3.97 -10.28
N ASP A 695 -9.58 3.11 -10.40
CA ASP A 695 -9.25 2.12 -9.37
C ASP A 695 -8.19 2.76 -8.44
N LEU A 696 -8.67 3.36 -7.35
CA LEU A 696 -7.78 4.03 -6.40
C LEU A 696 -6.81 3.14 -5.68
N ARG A 697 -7.12 1.85 -5.59
CA ARG A 697 -6.18 1.02 -4.90
C ARG A 697 -4.85 1.14 -5.59
N GLN A 698 -4.86 1.35 -6.90
CA GLN A 698 -3.61 1.46 -7.62
C GLN A 698 -2.94 2.74 -7.19
N ASP A 699 -3.74 3.79 -7.13
CA ASP A 699 -3.22 5.07 -6.73
C ASP A 699 -2.52 4.95 -5.39
N MET A 700 -3.20 4.44 -4.38
CA MET A 700 -2.58 4.27 -3.08
C MET A 700 -1.21 3.63 -3.20
N LEU A 701 -1.14 2.53 -3.95
CA LEU A 701 0.11 1.83 -4.12
C LEU A 701 1.24 2.75 -4.59
N ILE A 702 1.00 3.48 -5.66
CA ILE A 702 2.05 4.37 -6.16
C ILE A 702 2.40 5.42 -5.12
N LEU A 703 1.38 6.07 -4.62
CA LEU A 703 1.57 7.07 -3.62
C LEU A 703 2.44 6.51 -2.51
N GLN A 704 2.13 5.31 -2.03
CA GLN A 704 2.92 4.76 -0.96
C GLN A 704 4.34 4.50 -1.40
N ILE A 705 4.52 4.01 -2.62
CA ILE A 705 5.89 3.76 -3.08
C ILE A 705 6.58 5.07 -3.17
N LEU A 706 5.82 6.10 -3.48
CA LEU A 706 6.44 7.42 -3.56
C LEU A 706 7.00 7.89 -2.22
N ARG A 707 6.33 7.54 -1.12
CA ARG A 707 6.77 7.93 0.21
C ARG A 707 7.96 7.10 0.62
N ILE A 708 8.06 5.90 0.10
CA ILE A 708 9.21 5.09 0.46
C ILE A 708 10.38 5.77 -0.18
N MET A 709 10.23 6.14 -1.44
CA MET A 709 11.31 6.78 -2.16
C MET A 709 11.82 8.02 -1.45
N GLU A 710 10.93 8.66 -0.71
CA GLU A 710 11.28 9.83 0.04
C GLU A 710 12.20 9.41 1.17
N SER A 711 11.72 8.52 2.03
CA SER A 711 12.55 8.07 3.13
C SER A 711 13.90 7.61 2.56
N ILE A 712 13.91 6.89 1.45
CA ILE A 712 15.17 6.45 0.91
C ILE A 712 16.09 7.64 0.71
N TRP A 713 15.59 8.66 0.04
CA TRP A 713 16.39 9.82 -0.20
C TRP A 713 16.76 10.59 1.05
N GLU A 714 16.03 10.33 2.12
CA GLU A 714 16.29 11.00 3.38
C GLU A 714 17.61 10.51 3.94
N THR A 715 17.78 9.20 3.91
CA THR A 715 18.99 8.57 4.44
C THR A 715 20.23 8.88 3.61
N GLU A 716 20.17 9.89 2.76
CA GLU A 716 21.33 10.28 1.96
C GLU A 716 21.32 11.80 1.85
N SER A 717 20.59 12.42 2.78
CA SER A 717 20.48 13.86 2.86
C SER A 717 19.89 14.52 1.61
N LEU A 718 18.84 13.91 1.06
CA LEU A 718 18.19 14.42 -0.13
C LEU A 718 16.69 14.62 0.11
N ASP A 719 16.14 15.66 -0.49
CA ASP A 719 14.74 16.01 -0.37
C ASP A 719 14.34 16.46 -1.77
N LEU A 720 13.71 15.57 -2.53
CA LEU A 720 13.29 15.89 -3.90
C LEU A 720 11.89 16.50 -3.91
N CYS A 721 11.46 16.98 -2.76
CA CYS A 721 10.17 17.62 -2.62
C CYS A 721 8.94 16.99 -3.28
N LEU A 722 8.83 15.66 -3.27
CA LEU A 722 7.64 15.04 -3.83
C LEU A 722 6.42 15.50 -3.03
N LEU A 723 5.25 15.16 -3.55
CA LEU A 723 4.02 15.53 -2.87
C LEU A 723 3.00 14.40 -3.05
N PRO A 724 3.08 13.36 -2.20
CA PRO A 724 2.18 12.20 -2.25
C PRO A 724 0.92 12.54 -1.49
N TYR A 725 -0.07 13.06 -2.18
CA TYR A 725 -1.29 13.45 -1.48
C TYR A 725 -2.15 12.29 -0.93
N GLY A 726 -3.02 12.63 0.03
CA GLY A 726 -3.90 11.64 0.62
C GLY A 726 -4.74 10.97 -0.44
N CYS A 727 -4.99 9.69 -0.23
CA CYS A 727 -5.76 8.99 -1.19
C CYS A 727 -6.14 7.67 -0.56
N ILE A 728 -7.43 7.34 -0.56
CA ILE A 728 -7.89 6.08 0.00
C ILE A 728 -9.06 5.48 -0.77
N SER A 729 -8.89 4.30 -1.36
CA SER A 729 -9.94 3.63 -2.11
C SER A 729 -10.95 3.08 -1.17
N THR A 730 -12.19 3.53 -1.28
CA THR A 730 -13.27 3.10 -0.39
C THR A 730 -14.28 2.01 -0.90
N GLY A 731 -14.32 1.73 -2.22
CA GLY A 731 -15.23 0.73 -2.82
C GLY A 731 -14.78 0.45 -4.26
N ASP A 732 -15.62 -0.18 -5.09
CA ASP A 732 -15.24 -0.47 -6.48
C ASP A 732 -15.15 0.78 -7.35
N LYS A 733 -13.96 1.02 -7.92
CA LYS A 733 -13.73 2.17 -8.78
C LYS A 733 -14.22 3.49 -8.16
N ILE A 734 -14.23 3.55 -6.83
CA ILE A 734 -14.66 4.73 -6.05
C ILE A 734 -13.82 5.00 -4.78
N GLY A 735 -13.73 6.25 -4.33
CA GLY A 735 -12.94 6.56 -3.14
C GLY A 735 -12.67 8.06 -3.06
N MET A 736 -11.89 8.54 -2.10
CA MET A 736 -11.60 9.97 -1.95
C MET A 736 -10.17 10.37 -2.22
N ILE A 737 -9.92 11.66 -2.42
CA ILE A 737 -8.58 12.18 -2.71
C ILE A 737 -8.34 13.54 -2.06
N GLU A 738 -7.18 13.73 -1.44
CA GLU A 738 -6.87 15.03 -0.82
C GLU A 738 -6.69 16.08 -1.90
N ILE A 739 -7.33 17.23 -1.66
CA ILE A 739 -7.28 18.36 -2.58
C ILE A 739 -6.08 19.22 -2.21
N VAL A 740 -5.02 19.18 -2.99
CA VAL A 740 -3.85 19.98 -2.65
C VAL A 740 -4.18 21.45 -2.84
N LYS A 741 -4.04 22.26 -1.79
CA LYS A 741 -4.37 23.69 -1.90
C LYS A 741 -3.39 24.46 -2.78
N ASP A 742 -3.94 25.42 -3.53
CA ASP A 742 -3.21 26.31 -4.45
C ASP A 742 -2.42 25.58 -5.54
N ALA A 743 -3.08 24.70 -6.26
CA ALA A 743 -2.42 23.99 -7.31
C ALA A 743 -3.30 24.00 -8.54
N THR A 744 -2.63 23.91 -9.67
CA THR A 744 -3.24 23.85 -11.01
C THR A 744 -2.59 22.83 -11.93
N THR A 745 -3.39 22.31 -12.85
CA THR A 745 -2.94 21.34 -13.80
C THR A 745 -2.03 22.11 -14.76
N ILE A 746 -0.97 21.46 -15.21
CA ILE A 746 -0.05 22.10 -16.12
C ILE A 746 -0.75 22.35 -17.44
N ALA A 747 -1.73 21.49 -17.75
CA ALA A 747 -2.49 21.64 -18.97
C ALA A 747 -3.36 22.88 -18.84
N LYS A 748 -4.03 23.02 -17.69
CA LYS A 748 -4.90 24.17 -17.45
C LYS A 748 -4.09 25.46 -17.56
N ILE A 749 -2.81 25.40 -17.16
CA ILE A 749 -1.95 26.58 -17.25
C ILE A 749 -1.70 26.96 -18.72
N GLN A 750 -1.54 25.96 -19.58
CA GLN A 750 -1.32 26.16 -21.01
C GLN A 750 -2.61 26.70 -21.64
N GLN A 751 -3.72 26.06 -21.28
CA GLN A 751 -5.05 26.42 -21.77
C GLN A 751 -5.45 27.87 -21.47
N SER A 752 -5.03 28.36 -20.31
CA SER A 752 -5.35 29.72 -19.90
C SER A 752 -4.67 30.79 -20.74
N THR A 753 -3.63 30.40 -21.45
CA THR A 753 -2.90 31.33 -22.30
C THR A 753 -3.23 31.11 -23.78
N VAL A 754 -3.01 29.89 -24.25
CA VAL A 754 -3.27 29.53 -25.65
C VAL A 754 -4.71 29.07 -25.84
N GLY A 755 -5.00 28.53 -27.02
CA GLY A 755 -6.35 28.06 -27.32
C GLY A 755 -6.90 27.11 -26.29
N ASN A 756 -8.13 26.66 -26.51
CA ASN A 756 -8.75 25.74 -25.59
C ASN A 756 -8.02 24.41 -25.67
N THR A 757 -8.20 23.71 -26.78
CA THR A 757 -7.58 22.41 -27.00
C THR A 757 -6.17 22.57 -27.56
N GLY A 758 -5.72 23.82 -27.67
CA GLY A 758 -4.39 24.10 -28.20
C GLY A 758 -3.29 23.22 -27.63
N PHE A 760 0.88 25.12 -27.86
CA PHE A 760 1.72 25.00 -26.67
C PHE A 760 2.80 26.06 -26.67
N LYS A 761 2.86 26.86 -25.61
CA LYS A 761 3.85 27.91 -25.50
C LYS A 761 4.88 27.60 -24.40
N ASP A 762 6.15 27.91 -24.69
CA ASP A 762 7.25 27.64 -23.76
C ASP A 762 7.38 28.46 -22.47
N GLU A 763 6.85 29.67 -22.46
CA GLU A 763 7.01 30.48 -21.26
C GLU A 763 5.78 30.53 -20.37
N VAL A 764 4.69 29.88 -20.79
CA VAL A 764 3.48 29.90 -19.99
C VAL A 764 3.72 29.65 -18.50
N LEU A 765 4.39 28.53 -18.20
CA LEU A 765 4.65 28.15 -16.82
C LEU A 765 5.36 29.20 -15.98
N ASN A 766 6.49 29.70 -16.49
CA ASN A 766 7.26 30.69 -15.76
C ASN A 766 6.44 31.96 -15.50
N HIS A 767 5.65 32.36 -16.48
CA HIS A 767 4.78 33.53 -16.34
C HIS A 767 3.86 33.30 -15.17
N TRP A 768 3.21 32.14 -15.17
CA TRP A 768 2.24 31.74 -14.14
C TRP A 768 2.79 31.79 -12.72
N LEU A 769 3.98 31.24 -12.54
CA LEU A 769 4.63 31.22 -11.23
C LEU A 769 4.99 32.62 -10.76
N LYS A 770 5.50 33.44 -11.67
CA LYS A 770 5.85 34.78 -11.26
C LYS A 770 4.61 35.57 -10.82
N GLU A 771 3.53 35.47 -11.60
CA GLU A 771 2.29 36.19 -11.26
C GLU A 771 1.62 35.66 -9.99
N LYS A 772 1.95 34.43 -9.62
CA LYS A 772 1.38 33.81 -8.42
C LYS A 772 2.30 34.03 -7.21
N SER A 773 3.45 34.64 -7.46
CA SER A 773 4.42 34.92 -6.40
C SER A 773 4.25 36.27 -5.74
N PRO A 774 3.90 36.27 -4.45
CA PRO A 774 3.70 37.51 -3.69
C PRO A 774 4.88 38.48 -3.76
N THR A 775 6.09 37.96 -3.76
CA THR A 775 7.29 38.81 -3.78
C THR A 775 8.30 38.17 -4.73
N GLU A 776 9.50 38.75 -4.82
CA GLU A 776 10.54 38.20 -5.68
C GLU A 776 11.31 37.12 -4.94
N GLU A 777 11.27 37.17 -3.60
CA GLU A 777 11.95 36.18 -2.78
C GLU A 777 11.24 34.83 -2.93
N LYS A 778 9.91 34.86 -2.78
CA LYS A 778 9.09 33.67 -2.91
C LYS A 778 9.09 33.13 -4.35
N PHE A 779 9.25 34.00 -5.35
CA PHE A 779 9.27 33.52 -6.74
C PHE A 779 10.55 32.74 -7.02
N GLN A 780 11.63 33.20 -6.41
CA GLN A 780 12.90 32.52 -6.59
C GLN A 780 12.87 31.21 -5.81
N ALA A 781 12.20 31.23 -4.66
CA ALA A 781 12.08 30.03 -3.84
C ALA A 781 11.32 28.95 -4.61
N ALA A 782 10.28 29.40 -5.31
CA ALA A 782 9.40 28.55 -6.09
C ALA A 782 10.02 27.93 -7.34
N VAL A 783 10.99 28.63 -7.92
CA VAL A 783 11.69 28.09 -9.08
C VAL A 783 12.62 27.00 -8.55
N GLU A 784 13.13 27.21 -7.33
CA GLU A 784 14.02 26.26 -6.70
C GLU A 784 13.25 24.98 -6.47
N ARG A 785 12.18 25.13 -5.71
CA ARG A 785 11.31 24.03 -5.39
C ARG A 785 10.92 23.29 -6.67
N PHE A 786 10.62 24.03 -7.73
CA PHE A 786 10.25 23.40 -8.99
C PHE A 786 11.37 22.49 -9.50
N VAL A 787 12.62 22.97 -9.44
CA VAL A 787 13.74 22.18 -9.91
C VAL A 787 13.93 20.88 -9.13
N TYR A 788 13.73 20.94 -7.82
CA TYR A 788 13.86 19.75 -6.98
C TYR A 788 12.69 18.81 -7.28
N SER A 789 11.47 19.30 -7.09
CA SER A 789 10.31 18.50 -7.30
C SER A 789 10.25 17.96 -8.72
N CYS A 790 10.69 18.73 -9.69
CA CYS A 790 10.68 18.24 -11.07
C CYS A 790 11.62 17.05 -11.20
N ALA A 791 12.78 17.13 -10.58
CA ALA A 791 13.72 16.03 -10.69
C ALA A 791 13.22 14.79 -9.91
N GLY A 792 12.66 15.02 -8.71
CA GLY A 792 12.14 13.93 -7.90
C GLY A 792 11.24 13.12 -8.83
N TYR A 793 10.10 13.70 -9.15
CA TYR A 793 9.15 13.06 -10.05
C TYR A 793 9.74 12.51 -11.36
N CYS A 794 10.69 13.18 -11.98
CA CYS A 794 11.22 12.60 -13.22
C CYS A 794 11.94 11.30 -12.91
N VAL A 795 12.46 11.22 -11.68
CA VAL A 795 13.22 10.03 -11.29
C VAL A 795 12.31 8.91 -10.80
N ALA A 796 11.42 9.27 -9.88
CA ALA A 796 10.45 8.34 -9.31
C ALA A 796 9.64 7.74 -10.45
N THR A 797 9.12 8.63 -11.28
CA THR A 797 8.30 8.22 -12.40
C THR A 797 9.01 7.29 -13.40
N PHE A 798 10.30 7.52 -13.62
CA PHE A 798 11.05 6.69 -14.56
C PHE A 798 11.21 5.28 -14.05
N VAL A 799 11.61 5.18 -12.77
CA VAL A 799 11.84 3.89 -12.10
C VAL A 799 10.56 3.08 -12.14
N LEU A 800 9.45 3.69 -11.75
CA LEU A 800 8.17 2.99 -11.74
C LEU A 800 7.50 2.87 -13.08
N GLY A 801 8.24 3.20 -14.14
CA GLY A 801 7.74 3.12 -15.50
C GLY A 801 6.37 3.73 -15.73
N ILE A 802 6.19 4.99 -15.34
CA ILE A 802 4.93 5.69 -15.51
C ILE A 802 5.31 7.13 -15.72
N GLY A 803 6.37 7.35 -16.47
CA GLY A 803 6.80 8.70 -16.74
C GLY A 803 6.15 9.37 -17.94
N ASP A 804 5.83 8.61 -19.01
CA ASP A 804 5.19 9.17 -20.22
C ASP A 804 3.77 9.59 -19.89
N ARG A 805 3.63 10.79 -19.35
CA ARG A 805 2.33 11.30 -18.93
C ARG A 805 1.69 12.39 -19.77
N HIS A 806 0.36 12.44 -19.72
CA HIS A 806 -0.34 13.47 -20.46
C HIS A 806 -0.30 14.72 -19.56
N ASN A 807 -0.22 15.89 -20.18
CA ASN A 807 -0.15 17.20 -19.52
C ASN A 807 -1.22 17.50 -18.42
N ASP A 808 -2.39 16.89 -18.54
CA ASP A 808 -3.50 17.11 -17.61
C ASP A 808 -3.43 16.30 -16.30
N ASN A 809 -2.39 15.48 -16.18
CA ASN A 809 -2.21 14.67 -15.01
C ASN A 809 -0.99 15.12 -14.23
N ILE A 810 -0.45 16.30 -14.54
CA ILE A 810 0.72 16.84 -13.82
C ILE A 810 0.41 18.21 -13.22
N MET A 811 0.41 18.30 -11.92
CA MET A 811 0.14 19.59 -11.35
C MET A 811 1.31 20.31 -10.80
N ILE A 812 1.08 21.53 -10.32
CA ILE A 812 2.13 22.37 -9.73
C ILE A 812 1.44 23.29 -8.77
N THR A 813 2.05 23.45 -7.61
CA THR A 813 1.53 24.34 -6.59
C THR A 813 1.94 25.75 -6.97
N GLU A 814 1.24 26.77 -6.46
CA GLU A 814 1.62 28.15 -6.78
C GLU A 814 2.98 28.40 -6.17
N THR A 815 3.30 27.63 -5.14
CA THR A 815 4.57 27.76 -4.48
C THR A 815 5.69 27.08 -5.33
N GLY A 816 5.33 26.47 -6.46
CA GLY A 816 6.33 25.82 -7.32
C GLY A 816 6.54 24.31 -7.23
N ASN A 817 5.84 23.65 -6.31
CA ASN A 817 5.99 22.20 -6.18
C ASN A 817 5.19 21.49 -7.26
N LEU A 818 5.92 20.89 -8.19
CA LEU A 818 5.31 20.13 -9.27
C LEU A 818 4.97 18.72 -8.76
N PHE A 819 3.86 18.15 -9.28
CA PHE A 819 3.43 16.81 -8.90
C PHE A 819 2.36 16.08 -9.76
N HIS A 820 2.65 14.84 -10.17
CA HIS A 820 1.68 14.08 -10.95
C HIS A 820 0.45 13.68 -10.15
N ILE A 821 -0.53 13.13 -10.84
CA ILE A 821 -1.80 12.72 -10.22
C ILE A 821 -2.54 11.68 -11.08
N ASP A 822 -3.61 11.10 -10.54
CA ASP A 822 -4.41 10.07 -11.23
C ASP A 822 -3.55 8.94 -11.79
N PHE A 823 -2.98 8.12 -10.93
CA PHE A 823 -2.19 7.06 -11.49
C PHE A 823 -3.10 5.92 -11.88
N GLY A 824 -4.32 6.28 -12.28
CA GLY A 824 -5.33 5.31 -12.69
C GLY A 824 -4.73 4.11 -13.37
N HIS A 825 -3.98 4.34 -14.44
CA HIS A 825 -3.32 3.25 -15.16
C HIS A 825 -2.55 3.84 -16.34
N GLU A 839 5.53 6.84 -30.65
CA GLU A 839 6.69 7.38 -29.94
C GLU A 839 6.49 7.50 -28.43
N ARG A 840 7.57 7.27 -27.71
CA ARG A 840 7.53 7.32 -26.25
C ARG A 840 8.59 8.29 -25.71
N VAL A 841 8.59 8.44 -24.38
CA VAL A 841 9.53 9.31 -23.66
C VAL A 841 9.69 8.76 -22.23
N PRO A 842 10.92 8.69 -21.71
CA PRO A 842 11.19 8.19 -20.37
C PRO A 842 10.45 8.89 -19.23
N PHE A 843 10.15 10.17 -19.42
CA PHE A 843 9.45 10.96 -18.42
C PHE A 843 9.13 12.36 -18.94
N VAL A 844 8.31 13.10 -18.21
CA VAL A 844 7.99 14.40 -18.72
C VAL A 844 8.90 15.51 -18.29
N LEU A 845 9.68 16.00 -19.26
CA LEU A 845 10.63 17.09 -19.09
C LEU A 845 10.53 17.89 -20.38
N THR A 846 9.41 18.59 -20.57
CA THR A 846 9.15 19.38 -21.76
C THR A 846 9.71 20.81 -21.76
N PRO A 847 9.81 21.42 -22.95
CA PRO A 847 10.32 22.77 -23.17
C PRO A 847 9.95 23.78 -22.08
N ASP A 848 8.67 23.78 -21.67
CA ASP A 848 8.19 24.71 -20.63
C ASP A 848 8.80 24.45 -19.27
N PHE A 849 9.13 23.20 -18.97
CA PHE A 849 9.76 22.92 -17.68
C PHE A 849 11.19 23.44 -17.78
N LEU A 850 11.78 23.24 -18.95
CA LEU A 850 13.14 23.66 -19.24
C LEU A 850 13.27 25.17 -19.18
N PHE A 851 12.31 25.86 -19.79
CA PHE A 851 12.28 27.32 -19.82
C PHE A 851 12.35 27.86 -18.41
N VAL A 852 11.66 27.22 -17.49
CA VAL A 852 11.66 27.66 -16.10
C VAL A 852 13.07 27.51 -15.55
N MET A 853 13.79 26.50 -16.04
CA MET A 853 15.17 26.25 -15.59
C MET A 853 16.19 27.14 -16.26
N GLY A 854 15.72 27.99 -17.16
CA GLY A 854 16.64 28.92 -17.82
C GLY A 854 17.34 28.41 -19.07
N THR A 855 16.85 27.33 -19.64
CA THR A 855 17.45 26.78 -20.84
C THR A 855 16.41 26.55 -21.93
N SER A 856 16.89 26.38 -23.17
CA SER A 856 16.02 26.13 -24.30
C SER A 856 16.85 25.58 -25.45
N GLY A 857 16.23 24.80 -26.34
CA GLY A 857 16.95 24.23 -27.46
C GLY A 857 18.23 23.53 -27.08
N LYS A 858 18.12 22.54 -26.20
CA LYS A 858 19.27 21.78 -25.75
C LYS A 858 20.53 22.64 -25.54
N LYS A 859 20.45 23.57 -24.60
CA LYS A 859 21.59 24.43 -24.31
C LYS A 859 22.13 24.07 -22.91
N THR A 860 22.08 25.02 -21.98
CA THR A 860 22.56 24.79 -20.60
C THR A 860 22.15 25.96 -19.69
N SER A 861 22.50 25.85 -18.41
CA SER A 861 22.22 26.88 -17.41
C SER A 861 22.53 26.31 -16.03
N PRO A 862 22.63 27.20 -15.03
CA PRO A 862 22.92 26.77 -13.65
C PRO A 862 21.82 25.86 -13.10
N HIS A 863 20.59 26.21 -13.38
CA HIS A 863 19.47 25.42 -12.91
C HIS A 863 19.39 24.04 -13.56
N PHE A 864 19.57 23.99 -14.89
CA PHE A 864 19.52 22.72 -15.62
C PHE A 864 20.63 21.76 -15.19
N GLN A 865 21.80 22.32 -14.87
CA GLN A 865 22.94 21.51 -14.43
C GLN A 865 22.69 21.05 -12.99
N LYS A 866 21.96 21.89 -12.25
CA LYS A 866 21.61 21.61 -10.85
C LYS A 866 20.57 20.48 -10.95
N PHE A 867 19.69 20.59 -11.93
CA PHE A 867 18.67 19.59 -12.16
C PHE A 867 19.33 18.24 -12.45
N GLN A 868 20.21 18.21 -13.46
CA GLN A 868 20.93 16.99 -13.85
C GLN A 868 21.72 16.38 -12.68
N ASP A 869 22.22 17.24 -11.80
CA ASP A 869 22.99 16.79 -10.64
C ASP A 869 22.06 16.04 -9.67
N ILE A 870 20.92 16.66 -9.35
CA ILE A 870 19.93 16.07 -8.46
C ILE A 870 19.43 14.74 -9.04
N CYS A 871 19.00 14.74 -10.30
CA CYS A 871 18.57 13.51 -10.94
C CYS A 871 19.54 12.35 -10.67
N VAL A 872 20.77 12.46 -11.20
CA VAL A 872 21.75 11.39 -11.01
C VAL A 872 21.92 11.02 -9.54
N LYS A 873 22.05 12.01 -8.67
CA LYS A 873 22.21 11.74 -7.25
C LYS A 873 21.01 10.95 -6.74
N ALA A 874 19.81 11.32 -7.18
CA ALA A 874 18.58 10.64 -6.73
C ALA A 874 18.47 9.25 -7.29
N TYR A 875 18.82 9.13 -8.58
CA TYR A 875 18.79 7.88 -9.31
C TYR A 875 19.72 6.81 -8.75
N LEU A 876 20.99 7.11 -8.51
CA LEU A 876 21.88 6.09 -7.95
C LEU A 876 21.65 5.85 -6.46
N ALA A 877 20.91 6.77 -5.81
CA ALA A 877 20.58 6.64 -4.38
C ALA A 877 19.54 5.52 -4.30
N LEU A 878 18.64 5.49 -5.29
CA LEU A 878 17.61 4.46 -5.37
C LEU A 878 18.25 3.13 -5.79
N ARG A 879 19.35 3.16 -6.56
CA ARG A 879 19.98 1.90 -6.97
C ARG A 879 20.59 1.23 -5.77
N HIS A 880 20.84 2.04 -4.73
CA HIS A 880 21.40 1.51 -3.50
C HIS A 880 20.38 0.70 -2.76
N HIS A 881 19.16 0.63 -3.30
CA HIS A 881 18.02 -0.11 -2.74
C HIS A 881 17.29 -0.83 -3.85
N THR A 882 18.05 -1.17 -4.88
CA THR A 882 17.48 -1.89 -5.99
C THR A 882 16.56 -3.01 -5.47
N ASN A 883 17.10 -3.92 -4.65
CA ASN A 883 16.28 -5.05 -4.17
C ASN A 883 14.94 -4.68 -3.49
N LEU A 884 14.97 -3.73 -2.53
CA LEU A 884 13.76 -3.25 -1.85
C LEU A 884 12.72 -2.80 -2.86
N LEU A 885 13.13 -1.97 -3.82
CA LEU A 885 12.20 -1.49 -4.84
C LEU A 885 11.68 -2.64 -5.70
N ILE A 886 12.57 -3.45 -6.27
CA ILE A 886 12.17 -4.56 -7.13
C ILE A 886 11.11 -5.42 -6.46
N ILE A 887 11.27 -5.66 -5.17
CA ILE A 887 10.28 -6.48 -4.49
C ILE A 887 8.98 -5.72 -4.22
N LEU A 888 9.04 -4.40 -4.10
CA LEU A 888 7.84 -3.60 -3.88
C LEU A 888 7.12 -3.48 -5.22
N PHE A 889 7.89 -3.40 -6.31
CA PHE A 889 7.32 -3.24 -7.63
C PHE A 889 6.54 -4.49 -8.02
N SER A 890 7.15 -5.64 -7.86
CA SER A 890 6.44 -6.86 -8.21
C SER A 890 5.27 -7.15 -7.30
N MET A 891 5.38 -6.85 -6.00
CA MET A 891 4.20 -7.13 -5.18
C MET A 891 3.07 -6.20 -5.61
N MET A 892 3.44 -4.98 -6.03
CA MET A 892 2.47 -3.98 -6.44
C MET A 892 1.77 -4.53 -7.65
N LEU A 893 2.54 -4.99 -8.61
CA LEU A 893 1.94 -5.54 -9.81
C LEU A 893 1.05 -6.73 -9.51
N MET A 894 1.42 -7.63 -8.62
CA MET A 894 0.53 -8.76 -8.36
C MET A 894 -0.74 -8.50 -7.54
N THR A 895 -0.75 -7.49 -6.67
CA THR A 895 -1.96 -7.23 -5.89
C THR A 895 -2.65 -5.94 -6.31
N GLY A 896 -2.18 -5.32 -7.39
CA GLY A 896 -2.83 -4.07 -7.79
C GLY A 896 -3.31 -3.97 -9.22
N MET A 897 -2.65 -4.72 -10.10
CA MET A 897 -3.00 -4.70 -11.51
C MET A 897 -3.82 -5.92 -11.87
N PRO A 898 -4.25 -6.01 -13.14
CA PRO A 898 -5.03 -7.16 -13.56
C PRO A 898 -4.11 -8.34 -13.72
N GLN A 899 -4.00 -8.83 -14.95
CA GLN A 899 -3.13 -9.98 -15.24
C GLN A 899 -1.78 -9.46 -15.66
N LEU A 900 -0.88 -9.29 -14.69
CA LEU A 900 0.46 -8.80 -14.96
C LEU A 900 1.35 -9.95 -15.38
N THR A 901 2.10 -9.73 -16.47
CA THR A 901 3.02 -10.73 -16.99
C THR A 901 4.07 -11.03 -15.95
N SER A 902 3.96 -12.19 -15.30
CA SER A 902 4.94 -12.61 -14.29
C SER A 902 6.34 -12.69 -14.93
N LYS A 903 6.58 -11.86 -15.95
CA LYS A 903 7.86 -11.82 -16.63
C LYS A 903 8.14 -10.42 -17.13
N GLU A 904 7.87 -10.17 -18.41
CA GLU A 904 8.15 -8.88 -18.97
C GLU A 904 7.74 -7.68 -18.11
N ASP A 905 6.53 -7.69 -17.58
CA ASP A 905 6.07 -6.57 -16.76
C ASP A 905 6.96 -6.31 -15.58
N ILE A 906 7.03 -7.28 -14.69
CA ILE A 906 7.85 -7.12 -13.52
C ILE A 906 9.31 -6.79 -13.85
N GLU A 907 9.75 -7.22 -15.02
CA GLU A 907 11.12 -7.02 -15.46
C GLU A 907 11.51 -5.60 -15.86
N TYR A 908 10.53 -4.74 -16.04
CA TYR A 908 10.85 -3.37 -16.43
C TYR A 908 11.76 -2.71 -15.43
N ILE A 909 11.38 -2.83 -14.17
CA ILE A 909 12.13 -2.18 -13.13
C ILE A 909 13.57 -2.63 -13.08
N ARG A 910 13.85 -3.82 -13.59
CA ARG A 910 15.24 -4.29 -13.56
C ARG A 910 16.05 -3.43 -14.52
N ASP A 911 15.52 -3.22 -15.72
CA ASP A 911 16.17 -2.39 -16.73
C ASP A 911 16.18 -0.95 -16.31
N ALA A 912 15.10 -0.48 -15.70
CA ALA A 912 15.04 0.91 -15.28
C ALA A 912 16.13 1.23 -14.25
N LEU A 913 16.30 0.32 -13.30
CA LEU A 913 17.26 0.54 -12.25
C LEU A 913 18.60 0.09 -12.77
N THR A 914 18.62 -0.09 -14.07
CA THR A 914 19.82 -0.48 -14.73
C THR A 914 20.64 -1.43 -13.83
N VAL A 915 20.05 -2.58 -13.47
CA VAL A 915 20.71 -3.61 -12.66
C VAL A 915 21.98 -4.11 -13.34
N GLY A 916 23.04 -4.42 -12.58
CA GLY A 916 24.28 -4.91 -13.14
C GLY A 916 25.33 -3.85 -13.44
N LYS A 917 24.92 -2.82 -14.17
CA LYS A 917 25.82 -1.73 -14.53
C LYS A 917 26.47 -1.08 -13.29
N ASN A 918 27.64 -0.45 -13.48
CA ASN A 918 28.31 0.21 -12.37
C ASN A 918 27.75 1.62 -12.22
N GLU A 919 28.10 2.30 -11.14
CA GLU A 919 27.60 3.65 -10.94
C GLU A 919 27.88 4.59 -12.09
N GLU A 920 29.04 4.46 -12.73
CA GLU A 920 29.40 5.35 -13.85
C GLU A 920 28.46 5.17 -15.03
N ASP A 921 28.26 3.91 -15.43
CA ASP A 921 27.35 3.62 -16.55
C ASP A 921 25.91 3.97 -16.22
N ALA A 922 25.57 3.96 -14.93
CA ALA A 922 24.22 4.29 -14.47
C ALA A 922 23.97 5.77 -14.75
N LYS A 923 24.81 6.61 -14.14
CA LYS A 923 24.76 8.08 -14.29
C LYS A 923 24.68 8.44 -15.75
N LYS A 924 25.53 7.77 -16.54
CA LYS A 924 25.60 7.93 -17.99
C LYS A 924 24.21 7.67 -18.55
N TYR A 925 23.69 6.51 -18.20
CA TYR A 925 22.38 6.05 -18.64
C TYR A 925 21.23 7.01 -18.38
N PHE A 926 21.16 7.57 -17.18
CA PHE A 926 20.06 8.49 -16.87
C PHE A 926 20.15 9.80 -17.62
N LEU A 927 21.37 10.33 -17.72
CA LEU A 927 21.62 11.60 -18.40
C LEU A 927 21.21 11.50 -19.86
N ASP A 928 21.34 10.31 -20.42
CA ASP A 928 20.93 10.08 -21.81
C ASP A 928 19.39 10.13 -21.86
N GLN A 929 18.75 9.61 -20.83
CA GLN A 929 17.29 9.60 -20.75
C GLN A 929 16.84 11.04 -20.80
N ILE A 930 17.55 11.89 -20.05
CA ILE A 930 17.27 13.31 -19.99
C ILE A 930 17.36 13.94 -21.40
N GLU A 931 18.31 13.46 -22.20
CA GLU A 931 18.47 13.99 -23.55
C GLU A 931 17.31 13.55 -24.45
N VAL A 932 16.85 12.32 -24.32
CA VAL A 932 15.76 11.83 -25.16
C VAL A 932 14.53 12.71 -24.98
N CYS A 933 14.44 13.36 -23.82
CA CYS A 933 13.30 14.23 -23.55
C CYS A 933 13.51 15.54 -24.29
N ARG A 934 14.75 15.99 -24.34
CA ARG A 934 15.10 17.21 -25.01
C ARG A 934 14.92 17.09 -26.52
N ASP A 935 15.26 15.95 -27.09
CA ASP A 935 15.11 15.74 -28.52
C ASP A 935 13.65 15.66 -28.94
N LYS A 936 12.79 15.17 -28.04
CA LYS A 936 11.36 15.04 -28.33
C LYS A 936 10.54 16.32 -28.17
N GLY A 937 11.07 17.31 -27.45
CA GLY A 937 10.37 18.57 -27.26
C GLY A 937 8.91 18.42 -26.87
N TRP A 938 8.00 18.76 -27.79
CA TRP A 938 6.57 18.66 -27.51
C TRP A 938 5.89 17.56 -28.31
N THR A 939 6.69 16.78 -29.06
CA THR A 939 6.16 15.70 -29.89
C THR A 939 5.11 14.87 -29.13
N VAL A 940 5.59 14.11 -28.14
CA VAL A 940 4.74 13.22 -27.31
C VAL A 940 3.55 13.90 -26.63
N GLN A 941 3.73 15.13 -26.13
CA GLN A 941 2.64 15.85 -25.48
C GLN A 941 1.51 16.04 -26.46
N PHE A 942 1.85 16.60 -27.61
CA PHE A 942 0.90 16.83 -28.66
C PHE A 942 0.20 15.53 -29.01
N ASN A 943 0.98 14.45 -29.17
CA ASN A 943 0.43 13.15 -29.52
C ASN A 943 -0.59 12.60 -28.55
N TRP A 944 -0.39 12.88 -27.26
CA TRP A 944 -1.31 12.34 -26.26
C TRP A 944 -2.79 12.65 -26.50
N PHE A 945 -3.40 11.78 -27.31
CA PHE A 945 -4.82 11.79 -27.70
C PHE A 945 -5.09 10.34 -28.12
C1 E52 B . -5.81 23.26 -6.59
C2 E52 B . -6.64 24.08 -7.52
C3 E52 B . -7.42 23.53 -8.58
C4 E52 B . -7.41 22.15 -8.70
C5 E52 B . -6.59 21.33 -7.84
C6 E52 B . -5.77 21.84 -6.73
C7 E52 B . -4.57 15.90 -6.05
C8 E52 B . -7.62 20.04 -9.22
C9 E52 B . -6.71 19.94 -8.17
C10 E52 B . -8.10 19.02 -9.94
C11 E52 B . -7.64 17.63 -9.54
C12 E52 B . -6.73 17.48 -8.47
C13 E52 B . -6.29 18.57 -7.81
C14 E52 B . -5.33 18.13 -6.69
C15 E52 B . -9.45 18.30 -11.71
C16 E52 B . -9.05 16.92 -11.36
C17 E52 B . -8.19 16.59 -10.33
C18 E52 B . -6.10 16.27 -7.89
F E52 B . -9.49 16.02 -12.03
N20 E52 B . -9.01 19.30 -11.01
N21 E52 B . -8.00 21.30 -9.58
N22 E52 B . -5.35 16.81 -6.88
O23 E52 B . -5.03 23.85 -5.58
O24 E52 B . -6.19 15.14 -8.18
O25 E52 B . -4.68 18.63 -5.83
RU E52 B . -9.29 21.23 -11.15
C27 E52 B . -7.89 21.85 -12.34
O28 E52 B . -7.11 22.03 -13.17
C29 E52 B . -10.60 22.55 -12.01
C30 E52 B . -11.01 21.28 -12.25
C31 E52 B . -11.22 20.61 -10.98
C32 E52 B . -10.91 21.55 -9.93
C33 E52 B . -10.53 22.72 -10.52
C34 E52 B . -11.23 20.65 -13.57
C35 E52 B . -11.18 21.19 -16.04
C36 E52 B . -12.50 21.84 -16.48
C37 E52 B . -11.19 19.70 -16.40
C38 E52 B . -10.00 21.87 -16.77
N39 E52 B . -10.98 21.51 -14.61
O40 E52 B . -11.59 19.50 -13.70
O41 E52 B . -10.12 19.03 -15.77
O42 E52 B . -9.88 23.21 -16.31
#